data_1H98
# 
_entry.id   1H98 
# 
_audit_conform.dict_name       mmcif_pdbx.dic 
_audit_conform.dict_version    5.382 
_audit_conform.dict_location   http://mmcif.pdb.org/dictionaries/ascii/mmcif_pdbx.dic 
# 
loop_
_database_2.database_id 
_database_2.database_code 
_database_2.pdbx_database_accession 
_database_2.pdbx_DOI 
PDB   1H98         pdb_00001h98 10.2210/pdb1h98/pdb 
PDBE  EBI-5974     ?            ?                   
WWPDB D_1290005974 ?            ?                   
# 
_pdbx_database_status.status_code                     REL 
_pdbx_database_status.entry_id                        1H98 
_pdbx_database_status.deposit_site                    PDBE 
_pdbx_database_status.process_site                    PDBE 
_pdbx_database_status.SG_entry                        . 
_pdbx_database_status.recvd_initial_deposition_date   2001-03-05 
_pdbx_database_status.pdb_format_compatible           Y 
_pdbx_database_status.status_code_sf                  ? 
_pdbx_database_status.status_code_mr                  ? 
_pdbx_database_status.status_code_cs                  ? 
_pdbx_database_status.methods_development_category    ? 
_pdbx_database_status.status_code_nmr_data            ? 
# 
loop_
_audit_author.name 
_audit_author.pdbx_ordinal 
'Macedo-Ribeiro, S.' 1 
'Martins, B.M.'      2 
'Pereira, P.J.B.'    3 
'Buse, G.'           4 
'Huber, R.'          5 
'Soulimane, T.'      6 
# 
_citation.id                        primary 
_citation.title                     
;New Insights Into the Thermostability of Bacterial Ferredoxins: High-Resolution Crystal Structure of the Seven-Iron Ferredoxin from Thermus Thermophilus
;
_citation.journal_abbrev            J.Biol.Inorg.Chem. 
_citation.journal_volume            6 
_citation.page_first                663 
_citation.page_last                 ? 
_citation.year                      2001 
_citation.journal_id_ASTM           JJBCFA 
_citation.country                   GW 
_citation.journal_id_ISSN           0949-8257 
_citation.journal_id_CSD            2154 
_citation.book_publisher            ? 
_citation.pdbx_database_id_PubMed   11681700 
_citation.pdbx_database_id_DOI      10.1007/S007750100243 
# 
loop_
_citation_author.citation_id 
_citation_author.name 
_citation_author.ordinal 
_citation_author.identifier_ORCID 
primary 'Macedo-Ribeiro, S.' 1 ? 
primary 'Martins, B.M.'      2 ? 
primary 'Pereira, P.J.B.'    3 ? 
primary 'Buse, G.'           4 ? 
primary 'Huber, R.'          5 ? 
primary 'Soulimane, T.'      6 ? 
# 
_cell.entry_id           1H98 
_cell.length_a           29.700 
_cell.length_b           42.120 
_cell.length_c           62.990 
_cell.angle_alpha        90.00 
_cell.angle_beta         90.00 
_cell.angle_gamma        90.00 
_cell.Z_PDB              4 
_cell.pdbx_unique_axis   ? 
# 
_symmetry.entry_id                         1H98 
_symmetry.space_group_name_H-M             'P 21 21 21' 
_symmetry.pdbx_full_space_group_name_H-M   ? 
_symmetry.cell_setting                     ? 
_symmetry.Int_Tables_number                19 
# 
loop_
_entity.id 
_entity.type 
_entity.src_method 
_entity.pdbx_description 
_entity.formula_weight 
_entity.pdbx_number_of_molecules 
_entity.pdbx_ec 
_entity.pdbx_mutation 
_entity.pdbx_fragment 
_entity.details 
1 polymer     nat FERREDOXIN            8693.865 1  ? ? ? ? 
2 non-polymer syn 'IRON/SULFUR CLUSTER' 351.640  1  ? ? ? ? 
3 non-polymer syn 'FE3-S4 CLUSTER'      295.795  1  ? ? ? ? 
4 water       nat water                 18.015   58 ? ? ? ? 
# 
_entity_name_com.entity_id   1 
_entity_name_com.name        '[3FE-4S][4FE-4S] FERREDOXIN, SEVEN-IRON FERREDOXIN' 
# 
_entity_poly.entity_id                      1 
_entity_poly.type                           'polypeptide(L)' 
_entity_poly.nstd_linkage                   no 
_entity_poly.nstd_monomer                   no 
_entity_poly.pdbx_seq_one_letter_code       PHVICEPCIGVKDQSCVEVCPVECIYDGGDQFYIHPEECIDCGACVPACPVNAIYPEEDVPEQWKSYIEKNRKLAGLE 
_entity_poly.pdbx_seq_one_letter_code_can   PHVICEPCIGVKDQSCVEVCPVECIYDGGDQFYIHPEECIDCGACVPACPVNAIYPEEDVPEQWKSYIEKNRKLAGLE 
_entity_poly.pdbx_strand_id                 A 
_entity_poly.pdbx_target_identifier         ? 
# 
loop_
_entity_poly_seq.entity_id 
_entity_poly_seq.num 
_entity_poly_seq.mon_id 
_entity_poly_seq.hetero 
1 1  PRO n 
1 2  HIS n 
1 3  VAL n 
1 4  ILE n 
1 5  CYS n 
1 6  GLU n 
1 7  PRO n 
1 8  CYS n 
1 9  ILE n 
1 10 GLY n 
1 11 VAL n 
1 12 LYS n 
1 13 ASP n 
1 14 GLN n 
1 15 SER n 
1 16 CYS n 
1 17 VAL n 
1 18 GLU n 
1 19 VAL n 
1 20 CYS n 
1 21 PRO n 
1 22 VAL n 
1 23 GLU n 
1 24 CYS n 
1 25 ILE n 
1 26 TYR n 
1 27 ASP n 
1 28 GLY n 
1 29 GLY n 
1 30 ASP n 
1 31 GLN n 
1 32 PHE n 
1 33 TYR n 
1 34 ILE n 
1 35 HIS n 
1 36 PRO n 
1 37 GLU n 
1 38 GLU n 
1 39 CYS n 
1 40 ILE n 
1 41 ASP n 
1 42 CYS n 
1 43 GLY n 
1 44 ALA n 
1 45 CYS n 
1 46 VAL n 
1 47 PRO n 
1 48 ALA n 
1 49 CYS n 
1 50 PRO n 
1 51 VAL n 
1 52 ASN n 
1 53 ALA n 
1 54 ILE n 
1 55 TYR n 
1 56 PRO n 
1 57 GLU n 
1 58 GLU n 
1 59 ASP n 
1 60 VAL n 
1 61 PRO n 
1 62 GLU n 
1 63 GLN n 
1 64 TRP n 
1 65 LYS n 
1 66 SER n 
1 67 TYR n 
1 68 ILE n 
1 69 GLU n 
1 70 LYS n 
1 71 ASN n 
1 72 ARG n 
1 73 LYS n 
1 74 LEU n 
1 75 ALA n 
1 76 GLY n 
1 77 LEU n 
1 78 GLU n 
# 
_entity_src_nat.entity_id                  1 
_entity_src_nat.pdbx_src_id                1 
_entity_src_nat.pdbx_alt_source_flag       sample 
_entity_src_nat.pdbx_beg_seq_num           ? 
_entity_src_nat.pdbx_end_seq_num           ? 
_entity_src_nat.common_name                ? 
_entity_src_nat.pdbx_organism_scientific   'THERMUS AQUATICUS' 
_entity_src_nat.pdbx_ncbi_taxonomy_id      271 
_entity_src_nat.genus                      ? 
_entity_src_nat.species                    ? 
_entity_src_nat.strain                     ? 
_entity_src_nat.tissue                     ? 
_entity_src_nat.tissue_fraction            ? 
_entity_src_nat.pdbx_secretion             ? 
_entity_src_nat.pdbx_fragment              ? 
_entity_src_nat.pdbx_variant               ? 
_entity_src_nat.pdbx_cell_line             ? 
_entity_src_nat.pdbx_atcc                  ? 
_entity_src_nat.pdbx_cellular_location     ? 
_entity_src_nat.pdbx_organ                 ? 
_entity_src_nat.pdbx_organelle             ? 
_entity_src_nat.pdbx_cell                  ? 
_entity_src_nat.pdbx_plasmid_name          ? 
_entity_src_nat.pdbx_plasmid_details       ? 
_entity_src_nat.details                    ? 
# 
_struct_ref.id                         1 
_struct_ref.db_name                    UNP 
_struct_ref.db_code                    FER_THETH 
_struct_ref.entity_id                  1 
_struct_ref.pdbx_seq_one_letter_code   ? 
_struct_ref.pdbx_align_begin           ? 
_struct_ref.pdbx_db_accession          P03942 
_struct_ref.pdbx_db_isoform            ? 
# 
loop_
_struct_ref_seq.align_id 
_struct_ref_seq.ref_id 
_struct_ref_seq.pdbx_PDB_id_code 
_struct_ref_seq.pdbx_strand_id 
_struct_ref_seq.seq_align_beg 
_struct_ref_seq.pdbx_seq_align_beg_ins_code 
_struct_ref_seq.seq_align_end 
_struct_ref_seq.pdbx_seq_align_end_ins_code 
_struct_ref_seq.pdbx_db_accession 
_struct_ref_seq.db_align_beg 
_struct_ref_seq.pdbx_db_align_beg_ins_code 
_struct_ref_seq.db_align_end 
_struct_ref_seq.pdbx_db_align_end_ins_code 
_struct_ref_seq.pdbx_auth_seq_align_beg 
_struct_ref_seq.pdbx_auth_seq_align_end 
1 1 1H98 A 1  ? 69 ? P03942 1  ? 69  ? 1  69 
2 1 1H98 A 70 ? 78 ? P03942 97 ? 105 ? 70 78 
# 
_struct_ref_seq_dif.align_id                     1 
_struct_ref_seq_dif.pdbx_pdb_id_code             1H98 
_struct_ref_seq_dif.mon_id                       GLU 
_struct_ref_seq_dif.pdbx_pdb_strand_id           A 
_struct_ref_seq_dif.seq_num                      6 
_struct_ref_seq_dif.pdbx_pdb_ins_code            ? 
_struct_ref_seq_dif.pdbx_seq_db_name             UNP 
_struct_ref_seq_dif.pdbx_seq_db_accession_code   P03942 
_struct_ref_seq_dif.db_mon_id                    GLN 
_struct_ref_seq_dif.pdbx_seq_db_seq_num          6 
_struct_ref_seq_dif.details                      conflict 
_struct_ref_seq_dif.pdbx_auth_seq_num            6 
_struct_ref_seq_dif.pdbx_ordinal                 1 
# 
loop_
_chem_comp.id 
_chem_comp.type 
_chem_comp.mon_nstd_flag 
_chem_comp.name 
_chem_comp.pdbx_synonyms 
_chem_comp.formula 
_chem_comp.formula_weight 
ALA 'L-peptide linking' y ALANINE               ? 'C3 H7 N O2'     89.093  
ARG 'L-peptide linking' y ARGININE              ? 'C6 H15 N4 O2 1' 175.209 
ASN 'L-peptide linking' y ASPARAGINE            ? 'C4 H8 N2 O3'    132.118 
ASP 'L-peptide linking' y 'ASPARTIC ACID'       ? 'C4 H7 N O4'     133.103 
CYS 'L-peptide linking' y CYSTEINE              ? 'C3 H7 N O2 S'   121.158 
F3S non-polymer         . 'FE3-S4 CLUSTER'      ? 'Fe3 S4'         295.795 
GLN 'L-peptide linking' y GLUTAMINE             ? 'C5 H10 N2 O3'   146.144 
GLU 'L-peptide linking' y 'GLUTAMIC ACID'       ? 'C5 H9 N O4'     147.129 
GLY 'peptide linking'   y GLYCINE               ? 'C2 H5 N O2'     75.067  
HIS 'L-peptide linking' y HISTIDINE             ? 'C6 H10 N3 O2 1' 156.162 
HOH non-polymer         . WATER                 ? 'H2 O'           18.015  
ILE 'L-peptide linking' y ISOLEUCINE            ? 'C6 H13 N O2'    131.173 
LEU 'L-peptide linking' y LEUCINE               ? 'C6 H13 N O2'    131.173 
LYS 'L-peptide linking' y LYSINE                ? 'C6 H15 N2 O2 1' 147.195 
PHE 'L-peptide linking' y PHENYLALANINE         ? 'C9 H11 N O2'    165.189 
PRO 'L-peptide linking' y PROLINE               ? 'C5 H9 N O2'     115.130 
SER 'L-peptide linking' y SERINE                ? 'C3 H7 N O3'     105.093 
SF4 non-polymer         . 'IRON/SULFUR CLUSTER' ? 'Fe4 S4'         351.640 
TRP 'L-peptide linking' y TRYPTOPHAN            ? 'C11 H12 N2 O2'  204.225 
TYR 'L-peptide linking' y TYROSINE              ? 'C9 H11 N O3'    181.189 
VAL 'L-peptide linking' y VALINE                ? 'C5 H11 N O2'    117.146 
# 
_exptl.entry_id          1H98 
_exptl.method            'X-RAY DIFFRACTION' 
_exptl.crystals_number   1 
# 
_exptl_crystal.id                    1 
_exptl_crystal.density_meas          ? 
_exptl_crystal.density_Matthews      2.27 
_exptl_crystal.density_percent_sol   46 
_exptl_crystal.description           ? 
# 
_exptl_crystal_grow.crystal_id      1 
_exptl_crystal_grow.method          ? 
_exptl_crystal_grow.temp            ? 
_exptl_crystal_grow.temp_details    ? 
_exptl_crystal_grow.pH              5.40 
_exptl_crystal_grow.pdbx_pH_range   ? 
_exptl_crystal_grow.pdbx_details    '2.2 M AMMONIUM SULFATE, 0.1 M SODIUM ACETATE PH 5.0-5.4, 5-10% GLYCEROL' 
# 
_diffrn.id                     1 
_diffrn.ambient_temp           293.0 
_diffrn.ambient_temp_details   ? 
_diffrn.crystal_id             1 
# 
_diffrn_detector.diffrn_id              1 
_diffrn_detector.detector               'IMAGE PLATE' 
_diffrn_detector.type                   MARRESEARCH 
_diffrn_detector.pdbx_collection_date   ? 
_diffrn_detector.details                MIRRORS 
# 
_diffrn_radiation.diffrn_id                        1 
_diffrn_radiation.wavelength_id                    1 
_diffrn_radiation.pdbx_monochromatic_or_laue_m_l   M 
_diffrn_radiation.monochromator                    'NI FILTER' 
_diffrn_radiation.pdbx_diffrn_protocol             'SINGLE WAVELENGTH' 
_diffrn_radiation.pdbx_scattering_type             x-ray 
# 
_diffrn_radiation_wavelength.id           1 
_diffrn_radiation_wavelength.wavelength   1.5418 
_diffrn_radiation_wavelength.wt           1.0 
# 
_diffrn_source.diffrn_id                   1 
_diffrn_source.source                      'ROTATING ANODE' 
_diffrn_source.type                        'RIGAKU RU200' 
_diffrn_source.pdbx_synchrotron_site       ? 
_diffrn_source.pdbx_synchrotron_beamline   ? 
_diffrn_source.pdbx_wavelength             1.5418 
_diffrn_source.pdbx_wavelength_list        ? 
# 
_reflns.pdbx_diffrn_id               1 
_reflns.pdbx_ordinal                 1 
_reflns.entry_id                     1H98 
_reflns.observed_criterion_sigma_I   ? 
_reflns.observed_criterion_sigma_F   ? 
_reflns.d_resolution_low             13.400 
_reflns.d_resolution_high            1.640 
_reflns.number_obs                   9579 
_reflns.number_all                   ? 
_reflns.percent_possible_obs         96.3 
_reflns.pdbx_Rmerge_I_obs            0.09200 
_reflns.pdbx_Rsym_value              ? 
_reflns.pdbx_netI_over_sigmaI        5.0000 
_reflns.B_iso_Wilson_estimate        ? 
_reflns.pdbx_redundancy              19.200 
# 
_reflns_shell.pdbx_diffrn_id         1 
_reflns_shell.pdbx_ordinal           1 
_reflns_shell.d_res_high             1.64 
_reflns_shell.d_res_low              1.73 
_reflns_shell.percent_possible_all   98.8 
_reflns_shell.Rmerge_I_obs           0.23400 
_reflns_shell.pdbx_Rsym_value        ? 
_reflns_shell.meanI_over_sigI_obs    2.400 
_reflns_shell.pdbx_redundancy        ? 
# 
_refine.pdbx_refine_id                           'X-RAY DIFFRACTION' 
_refine.entry_id                                 1H98 
_refine.pdbx_diffrn_id                           1 
_refine.pdbx_TLS_residual_ADP_flag               ? 
_refine.ls_number_reflns_obs                     183792 
_refine.ls_number_reflns_all                     ? 
_refine.pdbx_ls_sigma_I                          ? 
_refine.pdbx_ls_sigma_F                          0.0 
_refine.pdbx_data_cutoff_high_absF               ? 
_refine.pdbx_data_cutoff_low_absF                ? 
_refine.pdbx_data_cutoff_high_rms_absF           ? 
_refine.ls_d_res_low                             8.0 
_refine.ls_d_res_high                            1.64 
_refine.ls_percent_reflns_obs                    96.3 
_refine.ls_R_factor_obs                          0.159 
_refine.ls_R_factor_all                          ? 
_refine.ls_R_factor_R_work                       0.159 
_refine.ls_R_factor_R_free                       0.189 
_refine.ls_R_factor_R_free_error                 ? 
_refine.ls_R_factor_R_free_error_details         ? 
_refine.ls_percent_reflns_R_free                 5.0 
_refine.ls_number_reflns_R_free                  ? 
_refine.ls_number_parameters                     ? 
_refine.ls_number_restraints                     ? 
_refine.occupancy_min                            ? 
_refine.occupancy_max                            ? 
_refine.correlation_coeff_Fo_to_Fc               ? 
_refine.correlation_coeff_Fo_to_Fc_free          ? 
_refine.B_iso_mean                               19.6 
_refine.aniso_B[1][1]                            ? 
_refine.aniso_B[2][2]                            ? 
_refine.aniso_B[3][3]                            ? 
_refine.aniso_B[1][2]                            ? 
_refine.aniso_B[1][3]                            ? 
_refine.aniso_B[2][3]                            ? 
_refine.solvent_model_details                    ? 
_refine.solvent_model_param_ksol                 ? 
_refine.solvent_model_param_bsol                 ? 
_refine.pdbx_solvent_vdw_probe_radii             ? 
_refine.pdbx_solvent_ion_probe_radii             ? 
_refine.pdbx_solvent_shrinkage_radii             ? 
_refine.pdbx_ls_cross_valid_method               THROUGHOUT 
_refine.details                                  ? 
_refine.pdbx_starting_model                      6FD1 
_refine.pdbx_method_to_determine_struct          'MOLECULAR REPLACEMENT' 
_refine.pdbx_isotropic_thermal_model             ? 
_refine.pdbx_stereochemistry_target_values       ? 
_refine.pdbx_stereochem_target_val_spec_case     ? 
_refine.pdbx_R_Free_selection_details            ? 
_refine.pdbx_overall_ESU_R                       ? 
_refine.pdbx_overall_ESU_R_Free                  ? 
_refine.overall_SU_ML                            ? 
_refine.pdbx_overall_phase_error                 ? 
_refine.overall_SU_B                             ? 
_refine.overall_SU_R_Cruickshank_DPI             ? 
_refine.pdbx_overall_SU_R_free_Cruickshank_DPI   ? 
_refine.pdbx_overall_SU_R_Blow_DPI               ? 
_refine.pdbx_overall_SU_R_free_Blow_DPI          ? 
# 
_refine_hist.pdbx_refine_id                   'X-RAY DIFFRACTION' 
_refine_hist.cycle_id                         LAST 
_refine_hist.pdbx_number_atoms_protein        595 
_refine_hist.pdbx_number_atoms_nucleic_acid   0 
_refine_hist.pdbx_number_atoms_ligand         15 
_refine_hist.number_atoms_solvent             58 
_refine_hist.number_atoms_total               668 
_refine_hist.d_res_high                       1.64 
_refine_hist.d_res_low                        8.0 
# 
loop_
_refine_ls_restr.type 
_refine_ls_restr.dev_ideal 
_refine_ls_restr.dev_ideal_target 
_refine_ls_restr.weight 
_refine_ls_restr.number 
_refine_ls_restr.pdbx_refine_id 
_refine_ls_restr.pdbx_restraint_function 
x_bond_d                0.009  ? ? ? 'X-RAY DIFFRACTION' ? 
x_bond_d_na             ?      ? ? ? 'X-RAY DIFFRACTION' ? 
x_bond_d_prot           ?      ? ? ? 'X-RAY DIFFRACTION' ? 
x_angle_d               ?      ? ? ? 'X-RAY DIFFRACTION' ? 
x_angle_d_na            ?      ? ? ? 'X-RAY DIFFRACTION' ? 
x_angle_d_prot          ?      ? ? ? 'X-RAY DIFFRACTION' ? 
x_angle_deg             1.874  ? ? ? 'X-RAY DIFFRACTION' ? 
x_angle_deg_na          ?      ? ? ? 'X-RAY DIFFRACTION' ? 
x_angle_deg_prot        ?      ? ? ? 'X-RAY DIFFRACTION' ? 
x_dihedral_angle_d      24.177 ? ? ? 'X-RAY DIFFRACTION' ? 
x_dihedral_angle_d_na   ?      ? ? ? 'X-RAY DIFFRACTION' ? 
x_dihedral_angle_d_prot ?      ? ? ? 'X-RAY DIFFRACTION' ? 
x_improper_angle_d      1.435  ? ? ? 'X-RAY DIFFRACTION' ? 
x_improper_angle_d_na   ?      ? ? ? 'X-RAY DIFFRACTION' ? 
x_improper_angle_d_prot ?      ? ? ? 'X-RAY DIFFRACTION' ? 
x_mcbond_it             ?      ? ? ? 'X-RAY DIFFRACTION' ? 
x_mcangle_it            ?      ? ? ? 'X-RAY DIFFRACTION' ? 
x_scbond_it             ?      ? ? ? 'X-RAY DIFFRACTION' ? 
x_scangle_it            ?      ? ? ? 'X-RAY DIFFRACTION' ? 
# 
loop_
_pdbx_xplor_file.pdbx_refine_id 
_pdbx_xplor_file.serial_no 
_pdbx_xplor_file.param_file 
_pdbx_xplor_file.topol_file 
'X-RAY DIFFRACTION' 1 PARAM19X.PRO TOPHCSDX.PRO 
'X-RAY DIFFRACTION' 2 PARAM19.SOL  TOPH19.SOL   
# 
_struct.entry_id                  1H98 
_struct.title                     
;New Insights into Thermostability of Bacterial Ferredoxins: High Resolution Crystal Structure of the Seven-Iron Ferredoxin from Thermus thermophilus
;
_struct.pdbx_model_details        ? 
_struct.pdbx_CASP_flag            ? 
_struct.pdbx_model_type_details   ? 
# 
_struct_keywords.entry_id        1H98 
_struct_keywords.pdbx_keywords   'ELECTRON TRANSPORT' 
_struct_keywords.text            
'ELECTRON TRANSPORT, THERMOPHILIC, IRON-SULFUR, AZOTOBACTER, HYDROGEN BONDS, STABILITY, HIGH RESOLUTION' 
# 
loop_
_struct_asym.id 
_struct_asym.pdbx_blank_PDB_chainid_flag 
_struct_asym.pdbx_modified 
_struct_asym.entity_id 
_struct_asym.details 
A N N 1 ? 
B N N 2 ? 
C N N 3 ? 
D N N 4 ? 
# 
_struct_biol.id   1 
# 
loop_
_struct_conf.conf_type_id 
_struct_conf.id 
_struct_conf.pdbx_PDB_helix_id 
_struct_conf.beg_label_comp_id 
_struct_conf.beg_label_asym_id 
_struct_conf.beg_label_seq_id 
_struct_conf.pdbx_beg_PDB_ins_code 
_struct_conf.end_label_comp_id 
_struct_conf.end_label_asym_id 
_struct_conf.end_label_seq_id 
_struct_conf.pdbx_end_PDB_ins_code 
_struct_conf.beg_auth_comp_id 
_struct_conf.beg_auth_asym_id 
_struct_conf.beg_auth_seq_id 
_struct_conf.end_auth_comp_id 
_struct_conf.end_auth_asym_id 
_struct_conf.end_auth_seq_id 
_struct_conf.pdbx_PDB_helix_class 
_struct_conf.details 
_struct_conf.pdbx_PDB_helix_length 
HELX_P HELX_P1 1 GLU A 6  ? ILE A 9  ? GLU A 6  ILE A 9  5 ? 4  
HELX_P HELX_P2 2 GLN A 14 ? CYS A 20 ? GLN A 14 CYS A 20 1 ? 7  
HELX_P HELX_P3 3 ALA A 44 ? CYS A 49 ? ALA A 44 CYS A 49 1 ? 6  
HELX_P HELX_P4 4 GLU A 58 ? VAL A 60 ? GLU A 58 VAL A 60 5 ? 3  
HELX_P HELX_P5 5 PRO A 61 ? TRP A 64 ? PRO A 61 TRP A 64 5 ? 4  
HELX_P HELX_P6 6 LYS A 65 ? ALA A 75 ? LYS A 65 ALA A 75 1 ? 11 
# 
_struct_conf_type.id          HELX_P 
_struct_conf_type.criteria    ? 
_struct_conf_type.reference   ? 
# 
loop_
_struct_conn.id 
_struct_conn.conn_type_id 
_struct_conn.pdbx_leaving_atom_flag 
_struct_conn.pdbx_PDB_id 
_struct_conn.ptnr1_label_asym_id 
_struct_conn.ptnr1_label_comp_id 
_struct_conn.ptnr1_label_seq_id 
_struct_conn.ptnr1_label_atom_id 
_struct_conn.pdbx_ptnr1_label_alt_id 
_struct_conn.pdbx_ptnr1_PDB_ins_code 
_struct_conn.pdbx_ptnr1_standard_comp_id 
_struct_conn.ptnr1_symmetry 
_struct_conn.ptnr2_label_asym_id 
_struct_conn.ptnr2_label_comp_id 
_struct_conn.ptnr2_label_seq_id 
_struct_conn.ptnr2_label_atom_id 
_struct_conn.pdbx_ptnr2_label_alt_id 
_struct_conn.pdbx_ptnr2_PDB_ins_code 
_struct_conn.ptnr1_auth_asym_id 
_struct_conn.ptnr1_auth_comp_id 
_struct_conn.ptnr1_auth_seq_id 
_struct_conn.ptnr2_auth_asym_id 
_struct_conn.ptnr2_auth_comp_id 
_struct_conn.ptnr2_auth_seq_id 
_struct_conn.ptnr2_symmetry 
_struct_conn.pdbx_ptnr3_label_atom_id 
_struct_conn.pdbx_ptnr3_label_seq_id 
_struct_conn.pdbx_ptnr3_label_comp_id 
_struct_conn.pdbx_ptnr3_label_asym_id 
_struct_conn.pdbx_ptnr3_label_alt_id 
_struct_conn.pdbx_ptnr3_PDB_ins_code 
_struct_conn.details 
_struct_conn.pdbx_dist_value 
_struct_conn.pdbx_value_order 
_struct_conn.pdbx_role 
metalc1 metalc ? ? A CYS 8  SG ? ? ? 1_555 C F3S . FE3 ? ? A CYS 8  A F3S 108 1_555 ? ? ? ? ? ? ? 2.208 ? ? 
metalc2 metalc ? ? A CYS 16 SG ? ? ? 1_555 C F3S . FE1 ? ? A CYS 16 A F3S 108 1_555 ? ? ? ? ? ? ? 2.202 ? ? 
metalc3 metalc ? ? A CYS 20 SG ? ? ? 1_555 B SF4 . FE2 ? ? A CYS 20 A SF4 107 1_555 ? ? ? ? ? ? ? 2.287 ? ? 
metalc4 metalc ? ? A CYS 39 SG ? ? ? 1_555 B SF4 . FE1 ? ? A CYS 39 A SF4 107 1_555 ? ? ? ? ? ? ? 2.267 ? ? 
metalc5 metalc ? ? A CYS 42 SG ? ? ? 1_555 B SF4 . FE4 ? ? A CYS 42 A SF4 107 1_555 ? ? ? ? ? ? ? 2.363 ? ? 
metalc6 metalc ? ? A CYS 45 SG ? ? ? 1_555 B SF4 . FE3 ? ? A CYS 45 A SF4 107 1_555 ? ? ? ? ? ? ? 2.212 ? ? 
metalc7 metalc ? ? A CYS 49 SG ? ? ? 1_555 C F3S . FE4 ? ? A CYS 49 A F3S 108 1_555 ? ? ? ? ? ? ? 2.276 ? ? 
# 
_struct_conn_type.id          metalc 
_struct_conn_type.criteria    ? 
_struct_conn_type.reference   ? 
# 
loop_
_struct_sheet.id 
_struct_sheet.type 
_struct_sheet.number_strands 
_struct_sheet.details 
AA ? 2 ? 
AB ? 2 ? 
# 
loop_
_struct_sheet_order.sheet_id 
_struct_sheet_order.range_id_1 
_struct_sheet_order.range_id_2 
_struct_sheet_order.offset 
_struct_sheet_order.sense 
AA 1 2 ? anti-parallel 
AB 1 2 ? anti-parallel 
# 
loop_
_struct_sheet_range.sheet_id 
_struct_sheet_range.id 
_struct_sheet_range.beg_label_comp_id 
_struct_sheet_range.beg_label_asym_id 
_struct_sheet_range.beg_label_seq_id 
_struct_sheet_range.pdbx_beg_PDB_ins_code 
_struct_sheet_range.end_label_comp_id 
_struct_sheet_range.end_label_asym_id 
_struct_sheet_range.end_label_seq_id 
_struct_sheet_range.pdbx_end_PDB_ins_code 
_struct_sheet_range.beg_auth_comp_id 
_struct_sheet_range.beg_auth_asym_id 
_struct_sheet_range.beg_auth_seq_id 
_struct_sheet_range.end_auth_comp_id 
_struct_sheet_range.end_auth_asym_id 
_struct_sheet_range.end_auth_seq_id 
AA 1 HIS A 2  ? ILE A 4  ? HIS A 2  ILE A 4  
AA 2 ILE A 54 ? PRO A 56 ? ILE A 54 PRO A 56 
AB 1 ILE A 25 ? ASP A 27 ? ILE A 25 ASP A 27 
AB 2 PHE A 32 ? ILE A 34 ? PHE A 32 ILE A 34 
# 
loop_
_pdbx_struct_sheet_hbond.sheet_id 
_pdbx_struct_sheet_hbond.range_id_1 
_pdbx_struct_sheet_hbond.range_id_2 
_pdbx_struct_sheet_hbond.range_1_label_atom_id 
_pdbx_struct_sheet_hbond.range_1_label_comp_id 
_pdbx_struct_sheet_hbond.range_1_label_asym_id 
_pdbx_struct_sheet_hbond.range_1_label_seq_id 
_pdbx_struct_sheet_hbond.range_1_PDB_ins_code 
_pdbx_struct_sheet_hbond.range_1_auth_atom_id 
_pdbx_struct_sheet_hbond.range_1_auth_comp_id 
_pdbx_struct_sheet_hbond.range_1_auth_asym_id 
_pdbx_struct_sheet_hbond.range_1_auth_seq_id 
_pdbx_struct_sheet_hbond.range_2_label_atom_id 
_pdbx_struct_sheet_hbond.range_2_label_comp_id 
_pdbx_struct_sheet_hbond.range_2_label_asym_id 
_pdbx_struct_sheet_hbond.range_2_label_seq_id 
_pdbx_struct_sheet_hbond.range_2_PDB_ins_code 
_pdbx_struct_sheet_hbond.range_2_auth_atom_id 
_pdbx_struct_sheet_hbond.range_2_auth_comp_id 
_pdbx_struct_sheet_hbond.range_2_auth_asym_id 
_pdbx_struct_sheet_hbond.range_2_auth_seq_id 
AA 1 2 N VAL A 3  ? N VAL A 3  O TYR A 55 ? O TYR A 55 
AB 1 2 N TYR A 26 ? N TYR A 26 O TYR A 33 ? O TYR A 33 
# 
loop_
_struct_site.id 
_struct_site.pdbx_evidence_code 
_struct_site.pdbx_auth_asym_id 
_struct_site.pdbx_auth_comp_id 
_struct_site.pdbx_auth_seq_id 
_struct_site.pdbx_auth_ins_code 
_struct_site.pdbx_num_residues 
_struct_site.details 
AC1 Software A SF4 107 ? 10 'BINDING SITE FOR RESIDUE SF4 A 107' 
AC2 Software A F3S 108 ? 7  'BINDING SITE FOR RESIDUE F3S A 108' 
# 
loop_
_struct_site_gen.id 
_struct_site_gen.site_id 
_struct_site_gen.pdbx_num_res 
_struct_site_gen.label_comp_id 
_struct_site_gen.label_asym_id 
_struct_site_gen.label_seq_id 
_struct_site_gen.pdbx_auth_ins_code 
_struct_site_gen.auth_comp_id 
_struct_site_gen.auth_asym_id 
_struct_site_gen.auth_seq_id 
_struct_site_gen.label_atom_id 
_struct_site_gen.label_alt_id 
_struct_site_gen.symmetry 
_struct_site_gen.details 
1  AC1 10 HIS A 2  ? HIS A 2  . ? 1_555 ? 
2  AC1 10 CYS A 20 ? CYS A 20 . ? 1_555 ? 
3  AC1 10 VAL A 22 ? VAL A 22 . ? 1_555 ? 
4  AC1 10 CYS A 24 ? CYS A 24 . ? 1_555 ? 
5  AC1 10 ILE A 34 ? ILE A 34 . ? 1_555 ? 
6  AC1 10 CYS A 39 ? CYS A 39 . ? 1_555 ? 
7  AC1 10 ILE A 40 ? ILE A 40 . ? 1_555 ? 
8  AC1 10 CYS A 42 ? CYS A 42 . ? 1_555 ? 
9  AC1 10 GLY A 43 ? GLY A 43 . ? 1_555 ? 
10 AC1 10 CYS A 45 ? CYS A 45 . ? 1_555 ? 
11 AC2 7  CYS A 8  ? CYS A 8  . ? 1_555 ? 
12 AC2 7  ASP A 13 ? ASP A 13 . ? 1_555 ? 
13 AC2 7  GLN A 14 ? GLN A 14 . ? 1_555 ? 
14 AC2 7  SER A 15 ? SER A 15 . ? 1_555 ? 
15 AC2 7  CYS A 16 ? CYS A 16 . ? 1_555 ? 
16 AC2 7  CYS A 49 ? CYS A 49 . ? 1_555 ? 
17 AC2 7  VAL A 51 ? VAL A 51 . ? 1_555 ? 
# 
_atom_sites.entry_id                    1H98 
_atom_sites.fract_transf_matrix[1][1]   0.02915017 
_atom_sites.fract_transf_matrix[1][2]   -0.00620894 
_atom_sites.fract_transf_matrix[1][3]   0.01566479 
_atom_sites.fract_transf_matrix[2][1]   0.00322954 
_atom_sites.fract_transf_matrix[2][2]   -0.01918191 
_atom_sites.fract_transf_matrix[2][3]   -0.01361275 
_atom_sites.fract_transf_matrix[3][1]   0.00764615 
_atom_sites.fract_transf_matrix[3][2]   0.00888547 
_atom_sites.fract_transf_matrix[3][3]   -0.01070664 
_atom_sites.fract_transf_vector[1]      0.060315 
_atom_sites.fract_transf_vector[2]      0.164411 
_atom_sites.fract_transf_vector[3]      0.346923 
# 
loop_
_atom_type.symbol 
C  
FE 
N  
O  
S  
# 
loop_
_atom_site.group_PDB 
_atom_site.id 
_atom_site.type_symbol 
_atom_site.label_atom_id 
_atom_site.label_alt_id 
_atom_site.label_comp_id 
_atom_site.label_asym_id 
_atom_site.label_entity_id 
_atom_site.label_seq_id 
_atom_site.pdbx_PDB_ins_code 
_atom_site.Cartn_x 
_atom_site.Cartn_y 
_atom_site.Cartn_z 
_atom_site.occupancy 
_atom_site.B_iso_or_equiv 
_atom_site.pdbx_formal_charge 
_atom_site.auth_seq_id 
_atom_site.auth_comp_id 
_atom_site.auth_asym_id 
_atom_site.auth_atom_id 
_atom_site.pdbx_PDB_model_num 
ATOM   1   N  N   . PRO A 1 1  ? -5.811  -6.092  -5.884  1.00   16.89 ? 1    PRO A N   1 
ATOM   2   C  CA  . PRO A 1 1  ? -5.503  -4.967  -4.963  1.00   16.95 ? 1    PRO A CA  1 
ATOM   3   C  C   . PRO A 1 1  ? -4.071  -4.450  -5.138  1.00   16.61 ? 1    PRO A C   1 
ATOM   4   O  O   . PRO A 1 1  ? -3.278  -5.067  -5.852  1.00   18.03 ? 1    PRO A O   1 
ATOM   5   C  CB  . PRO A 1 1  ? -5.727  -5.479  -3.543  1.00   17.90 ? 1    PRO A CB  1 
ATOM   6   C  CG  . PRO A 1 1  ? -5.813  -6.992  -3.749  1.00   19.84 ? 1    PRO A CG  1 
ATOM   7   C  CD  . PRO A 1 1  ? -6.437  -7.178  -5.112  1.00   17.83 ? 1    PRO A CD  1 
ATOM   8   N  N   . HIS A 1 2  ? -3.798  -3.252  -4.617  1.00   14.93 ? 2    HIS A N   1 
ATOM   9   C  CA  . HIS A 1 2  ? -2.455  -2.673  -4.658  1.00   12.98 ? 2    HIS A CA  1 
ATOM   10  C  C   . HIS A 1 2  ? -1.854  -2.948  -3.278  1.00   12.56 ? 2    HIS A C   1 
ATOM   11  O  O   . HIS A 1 2  ? -2.592  -3.164  -2.315  1.00   12.28 ? 2    HIS A O   1 
ATOM   12  C  CB  . HIS A 1 2  ? -2.494  -1.174  -4.965  1.00   12.23 ? 2    HIS A CB  1 
ATOM   13  C  CG  . HIS A 1 2  ? -2.568  -0.863  -6.429  1.00   13.52 ? 2    HIS A CG  1 
ATOM   14  N  ND1 . HIS A 1 2  ? -3.509  -1.427  -7.265  1.00   14.34 ? 2    HIS A ND1 1 
ATOM   15  C  CD2 . HIS A 1 2  ? -1.814  -0.051  -7.207  1.00   14.08 ? 2    HIS A CD2 1 
ATOM   16  C  CE1 . HIS A 1 2  ? -3.331  -0.979  -8.495  1.00   14.33 ? 2    HIS A CE1 1 
ATOM   17  N  NE2 . HIS A 1 2  ? -2.307  -0.142  -8.487  1.00   15.95 ? 2    HIS A NE2 1 
ATOM   18  N  N   . VAL A 1 3  ? -0.531  -2.956  -3.182  1.00   12.02 ? 3    VAL A N   1 
ATOM   19  C  CA  . VAL A 1 3  ? 0.146   -3.274  -1.932  1.00   11.91 ? 3    VAL A CA  1 
ATOM   20  C  C   . VAL A 1 3  ? 1.245   -2.272  -1.594  1.00   12.01 ? 3    VAL A C   1 
ATOM   21  O  O   . VAL A 1 3  ? 2.009   -1.879  -2.470  1.00   13.18 ? 3    VAL A O   1 
ATOM   22  C  CB  . VAL A 1 3  ? 0.785   -4.698  -2.036  1.00   11.28 ? 3    VAL A CB  1 
ATOM   23  C  CG1 . VAL A 1 3  ? 1.506   -5.072  -0.748  1.00   13.14 ? 3    VAL A CG1 1 
ATOM   24  C  CG2 . VAL A 1 3  ? -0.291  -5.746  -2.374  1.00   13.27 ? 3    VAL A CG2 1 
ATOM   25  N  N   . ILE A 1 4  ? 1.304   -1.838  -0.334  1.00   11.62 ? 4    ILE A N   1 
ATOM   26  C  CA  . ILE A 1 4  ? 2.349   -0.910  0.097   1.00   12.47 ? 4    ILE A CA  1 
ATOM   27  C  C   . ILE A 1 4  ? 3.516   -1.765  0.588   1.00   13.20 ? 4    ILE A C   1 
ATOM   28  O  O   . ILE A 1 4  ? 3.369   -2.575  1.516   1.00   12.93 ? 4    ILE A O   1 
ATOM   29  C  CB  . ILE A 1 4  ? 1.868   0.053   1.224   1.00   12.31 ? 4    ILE A CB  1 
ATOM   30  C  CG1 . ILE A 1 4  ? 0.795   1.004   0.676   1.00   12.32 ? 4    ILE A CG1 1 
ATOM   31  C  CG2 . ILE A 1 4  ? 3.053   0.834   1.787   1.00   10.20 ? 4    ILE A CG2 1 
ATOM   32  C  CD1 . ILE A 1 4  ? 0.242   1.984   1.690   1.00   9.40  ? 4    ILE A CD1 1 
ATOM   33  N  N   . CYS A 1 5  ? 4.663   -1.604  -0.055  1.00   12.09 ? 5    CYS A N   1 
ATOM   34  C  CA  . CYS A 1 5  ? 5.835   -2.390  0.286   1.00   12.87 ? 5    CYS A CA  1 
ATOM   35  C  C   . CYS A 1 5  ? 6.849   -1.697  1.192   1.00   14.70 ? 5    CYS A C   1 
ATOM   36  O  O   . CYS A 1 5  ? 6.598   -0.613  1.727   1.00   15.36 ? 5    CYS A O   1 
ATOM   37  C  CB  . CYS A 1 5  ? 6.483   -2.928  -0.995  1.00   12.97 ? 5    CYS A CB  1 
ATOM   38  S  SG  . CYS A 1 5  ? 5.336   -3.915  -2.014  1.00   15.07 ? 5    CYS A SG  1 
ATOM   39  N  N   . GLU A 1 6  ? 8.015   -2.323  1.320   1.00   14.32 ? 6    GLU A N   1 
ATOM   40  C  CA  . GLU A 1 6  ? 9.105   -1.864  2.174   1.00   15.75 ? 6    GLU A CA  1 
ATOM   41  C  C   . GLU A 1 6  ? 9.497   -0.384  2.264   1.00   14.78 ? 6    GLU A C   1 
ATOM   42  O  O   . GLU A 1 6  ? 9.667   0.135   3.367   1.00   15.54 ? 6    GLU A O   1 
ATOM   43  C  CB  . GLU A 1 6  ? 10.347  -2.698  1.878   1.00   18.07 ? 6    GLU A CB  1 
ATOM   44  C  CG  . GLU A 1 6  ? 11.494  -2.456  2.828   1.00   24.90 ? 6    GLU A CG  1 
ATOM   45  C  CD  . GLU A 1 6  ? 12.505  -3.576  2.786   1.00   32.23 ? 6    GLU A CD  1 
ATOM   46  O  OE1 . GLU A 1 6  ? 12.146  -4.720  3.169   1.00   35.06 ? 6    GLU A OE1 1 
ATOM   47  O  OE2 . GLU A 1 6  ? 13.653  -3.310  2.369   1.00   36.24 ? 6    GLU A OE2 1 
ATOM   48  N  N   . PRO A 1 7  ? 9.633   0.316   1.125   1.00   13.15 ? 7    PRO A N   1 
ATOM   49  C  CA  . PRO A 1 7  ? 10.022  1.734   1.156   1.00   14.50 ? 7    PRO A CA  1 
ATOM   50  C  C   . PRO A 1 7  ? 9.223   2.677   2.071   1.00   14.69 ? 7    PRO A C   1 
ATOM   51  O  O   . PRO A 1 7  ? 9.733   3.723   2.484   1.00   14.71 ? 7    PRO A O   1 
ATOM   52  C  CB  . PRO A 1 7  ? 9.916   2.144   -0.316  1.00   15.02 ? 7    PRO A CB  1 
ATOM   53  C  CG  . PRO A 1 7  ? 10.238  0.880   -1.034  1.00   11.86 ? 7    PRO A CG  1 
ATOM   54  C  CD  . PRO A 1 7  ? 9.432   -0.128  -0.265  1.00   11.23 ? 7    PRO A CD  1 
ATOM   55  N  N   . CYS A 1 8  ? 7.981   2.315   2.377   1.00   14.54 ? 8    CYS A N   1 
ATOM   56  C  CA  . CYS A 1 8  ? 7.122   3.138   3.230   1.00   15.25 ? 8    CYS A CA  1 
ATOM   57  C  C   . CYS A 1 8  ? 7.628   3.191   4.667   1.00   15.20 ? 8    CYS A C   1 
ATOM   58  O  O   . CYS A 1 8  ? 7.449   4.200   5.353   1.00   15.95 ? 8    CYS A O   1 
ATOM   59  C  CB  . CYS A 1 8  ? 5.678   2.606   3.223   1.00   13.09 ? 8    CYS A CB  1 
ATOM   60  S  SG  . CYS A 1 8  ? 4.463   3.634   4.117   1.00   12.80 ? 8    CYS A SG  1 
ATOM   61  N  N   . ILE A 1 9  ? 8.260   2.109   5.111   1.00   14.41 ? 9    ILE A N   1 
ATOM   62  C  CA  . ILE A 1 9  ? 8.774   2.019   6.469   1.00   16.34 ? 9    ILE A CA  1 
ATOM   63  C  C   . ILE A 1 9  ? 9.820   3.096   6.724   1.00   17.74 ? 9    ILE A C   1 
ATOM   64  O  O   . ILE A 1 9  ? 10.785  3.234   5.975   1.00   18.85 ? 9    ILE A O   1 
ATOM   65  C  CB  . ILE A 1 9  ? 9.373   0.624   6.743   1.00   16.11 ? 9    ILE A CB  1 
ATOM   66  C  CG1 . ILE A 1 9  ? 8.305   -0.451  6.521   1.00   14.57 ? 9    ILE A CG1 1 
ATOM   67  C  CG2 . ILE A 1 9  ? 9.910   0.542   8.175   1.00   16.06 ? 9    ILE A CG2 1 
ATOM   68  C  CD1 . ILE A 1 9  ? 8.821   -1.867  6.684   1.00   14.91 ? 9    ILE A CD1 1 
ATOM   69  N  N   . GLY A 1 10 ? 9.614   3.867   7.783   1.00   19.24 ? 10   GLY A N   1 
ATOM   70  C  CA  . GLY A 1 10 ? 10.544  4.928   8.113   1.00   19.30 ? 10   GLY A CA  1 
ATOM   71  C  C   . GLY A 1 10 ? 10.274  6.193   7.326   1.00   20.79 ? 10   GLY A C   1 
ATOM   72  O  O   . GLY A 1 10 ? 10.975  7.187   7.500   1.00   22.94 ? 10   GLY A O   1 
ATOM   73  N  N   . VAL A 1 11 ? 9.262   6.171   6.463   1.00   17.46 ? 11   VAL A N   1 
ATOM   74  C  CA  . VAL A 1 11 ? 8.926   7.337   5.656   1.00   16.16 ? 11   VAL A CA  1 
ATOM   75  C  C   . VAL A 1 11 ? 7.496   7.800   5.916   1.00   15.88 ? 11   VAL A C   1 
ATOM   76  O  O   . VAL A 1 11 ? 7.281   8.928   6.342   1.00   16.20 ? 11   VAL A O   1 
ATOM   77  C  CB  . VAL A 1 11 ? 9.123   7.055   4.151   1.00   16.60 ? 11   VAL A CB  1 
ATOM   78  C  CG1 . VAL A 1 11 ? 8.736   8.278   3.324   1.00   16.39 ? 11   VAL A CG1 1 
ATOM   79  C  CG2 . VAL A 1 11 ? 10.574  6.675   3.884   1.00   17.26 ? 11   VAL A CG2 1 
ATOM   80  N  N   . LYS A 1 12 ? 6.528   6.924   5.661   1.00   14.34 ? 12   LYS A N   1 
ATOM   81  C  CA  . LYS A 1 12 ? 5.112   7.229   5.868   1.00   15.61 ? 12   LYS A CA  1 
ATOM   82  C  C   . LYS A 1 12 ? 4.742   8.630   5.383   1.00   17.37 ? 12   LYS A C   1 
ATOM   83  O  O   . LYS A 1 12 ? 4.100   9.404   6.096   1.00   18.71 ? 12   LYS A O   1 
ATOM   84  C  CB  . LYS A 1 12 ? 4.743   7.048   7.343   1.00   14.50 ? 12   LYS A CB  1 
ATOM   85  C  CG  . LYS A 1 12 ? 4.945   5.625   7.839   1.00   16.18 ? 12   LYS A CG  1 
ATOM   86  C  CD  . LYS A 1 12 ? 4.683   5.481   9.331   1.00   19.15 ? 12   LYS A CD  1 
ATOM   87  C  CE  . LYS A 1 12 ? 3.230   5.757   9.678   1.00   22.38 ? 12   LYS A CE  1 
ATOM   88  N  NZ  . LYS A 1 12 ? 2.960   5.567   11.129  1.00   23.10 ? 12   LYS A NZ  1 
ATOM   89  N  N   . ASP A 1 13 ? 5.105   8.917   4.136   1.00   17.80 ? 13   ASP A N   1 
ATOM   90  C  CA  . ASP A 1 13 ? 4.854   10.215  3.521   1.00   17.32 ? 13   ASP A CA  1 
ATOM   91  C  C   . ASP A 1 13 ? 3.386   10.627  3.507   1.00   17.75 ? 13   ASP A C   1 
ATOM   92  O  O   . ASP A 1 13 ? 3.072   11.805  3.652   1.00   20.93 ? 13   ASP A O   1 
ATOM   93  C  CB  . ASP A 1 13 ? 5.414   10.234  2.100   1.00   18.32 ? 13   ASP A CB  1 
ATOM   94  C  CG  . ASP A 1 13 ? 5.149   11.541  1.395   1.00   20.64 ? 13   ASP A CG  1 
ATOM   95  O  OD1 . ASP A 1 13 ? 5.945   12.489  1.558   1.00   22.67 ? 13   ASP A OD1 1 
ATOM   96  O  OD2 . ASP A 1 13 ? 4.133   11.620  0.685   1.00   20.29 ? 13   ASP A OD2 1 
ATOM   97  N  N   . GLN A 1 14 ? 2.505   9.666   3.243   1.00   17.30 ? 14   GLN A N   1 
ATOM   98  C  CA  . GLN A 1 14 ? 1.057   9.873   3.210   1.00   15.37 ? 14   GLN A CA  1 
ATOM   99  C  C   . GLN A 1 14 ? 0.438   10.593  2.013   1.00   14.83 ? 14   GLN A C   1 
ATOM   100 O  O   . GLN A 1 14 ? -0.774  10.808  1.992   1.00   16.57 ? 14   GLN A O   1 
ATOM   101 C  CB  . GLN A 1 14 ? 0.562   10.477  4.528   1.00   17.24 ? 14   GLN A CB  1 
ATOM   102 C  CG  . GLN A 1 14 ? 0.793   9.562   5.723   1.00   18.49 ? 14   GLN A CG  1 
ATOM   103 C  CD  . GLN A 1 14 ? 0.634   10.271  7.056   1.00   21.22 ? 14   GLN A CD  1 
ATOM   104 O  OE1 . GLN A 1 14 ? -0.462  10.697  7.419   1.00   23.38 ? 14   GLN A OE1 1 
ATOM   105 N  NE2 . GLN A 1 14 ? 1.728   10.384  7.801   1.00   22.37 ? 14   GLN A NE2 1 
ATOM   106 N  N   . SER A 1 15 ? 1.226   10.912  0.988   1.00   14.42 ? 15   SER A N   1 
ATOM   107 C  CA  . SER A 1 15 ? 0.653   11.558  -0.196  1.00   14.51 ? 15   SER A CA  1 
ATOM   108 C  C   . SER A 1 15 ? -0.373  10.629  -0.850  1.00   14.80 ? 15   SER A C   1 
ATOM   109 O  O   . SER A 1 15 ? -1.345  11.078  -1.455  1.00   14.56 ? 15   SER A O   1 
ATOM   110 C  CB  . SER A 1 15 ? 1.740   11.913  -1.211  1.00   15.59 ? 15   SER A CB  1 
ATOM   111 O  OG  . SER A 1 15 ? 2.526   13.000  -0.757  1.00   18.27 ? 15   SER A OG  1 
ATOM   112 N  N   . CYS A 1 16 ? -0.169  9.326   -0.675  1.00   14.78 ? 16   CYS A N   1 
ATOM   113 C  CA  . CYS A 1 16 ? -1.062  8.320   -1.237  1.00   15.58 ? 16   CYS A CA  1 
ATOM   114 C  C   . CYS A 1 16 ? -2.475  8.420   -0.674  1.00   16.42 ? 16   CYS A C   1 
ATOM   115 O  O   . CYS A 1 16 ? -3.454  8.166   -1.382  1.00   15.03 ? 16   CYS A O   1 
ATOM   116 C  CB  . CYS A 1 16 ? -0.509  6.913   -0.977  1.00   14.97 ? 16   CYS A CB  1 
ATOM   117 S  SG  . CYS A 1 16 ? -0.289  6.472   0.771   1.00   13.34 ? 16   CYS A SG  1 
ATOM   118 N  N   . VAL A 1 17 ? -2.572  8.800   0.598   1.00   16.34 ? 17   VAL A N   1 
ATOM   119 C  CA  . VAL A 1 17 ? -3.860  8.914   1.275   1.00   17.55 ? 17   VAL A CA  1 
ATOM   120 C  C   . VAL A 1 17 ? -4.786  9.940   0.628   1.00   18.41 ? 17   VAL A C   1 
ATOM   121 O  O   . VAL A 1 17 ? -5.976  9.680   0.447   1.00   19.32 ? 17   VAL A O   1 
ATOM   122 C  CB  . VAL A 1 17 ? -3.691  9.257   2.788   1.00   15.36 ? 17   VAL A CB  1 
ATOM   123 C  CG1 . VAL A 1 17 ? -5.053  9.445   3.444   1.00   16.70 ? 17   VAL A CG1 1 
ATOM   124 C  CG2 . VAL A 1 17 ? -2.925  8.154   3.504   1.00   14.49 ? 17   VAL A CG2 1 
ATOM   125 N  N   . GLU A 1 18 ? -4.243  11.086  0.244   1.00   19.48 ? 18   GLU A N   1 
ATOM   126 C  CA  . GLU A 1 18 ? -5.075  12.124  -0.352  1.00   22.23 ? 18   GLU A CA  1 
ATOM   127 C  C   . GLU A 1 18 ? -5.581  11.884  -1.774  1.00   21.45 ? 18   GLU A C   1 
ATOM   128 O  O   . GLU A 1 18 ? -6.501  12.568  -2.219  1.00   22.56 ? 18   GLU A O   1 
ATOM   129 C  CB  . GLU A 1 18 ? -4.402  13.495  -0.243  1.00   25.46 ? 18   GLU A CB  1 
ATOM   130 C  CG  . GLU A 1 18 ? -3.066  13.613  -0.939  1.00   28.20 ? 18   GLU A CG  1 
ATOM   131 C  CD  . GLU A 1 18 ? -2.439  14.983  -0.756  0.0000 27.77 ? 18   GLU A CD  1 
ATOM   132 O  OE1 . GLU A 1 18 ? -1.607  15.140  0.161   0.0000 28.08 ? 18   GLU A OE1 1 
ATOM   133 O  OE2 . GLU A 1 18 ? -2.777  15.900  -1.533  0.0000 28.08 ? 18   GLU A OE2 1 
ATOM   134 N  N   . VAL A 1 19 ? -5.008  10.917  -2.484  1.00   17.23 ? 19   VAL A N   1 
ATOM   135 C  CA  . VAL A 1 19 ? -5.456  10.654  -3.842  1.00   16.52 ? 19   VAL A CA  1 
ATOM   136 C  C   . VAL A 1 19 ? -6.350  9.418   -3.967  1.00   18.74 ? 19   VAL A C   1 
ATOM   137 O  O   . VAL A 1 19 ? -6.963  9.199   -5.012  1.00   20.48 ? 19   VAL A O   1 
ATOM   138 C  CB  . VAL A 1 19 ? -4.266  10.555  -4.833  1.00   17.27 ? 19   VAL A CB  1 
ATOM   139 C  CG1 . VAL A 1 19 ? -3.458  11.841  -4.806  1.00   17.72 ? 19   VAL A CG1 1 
ATOM   140 C  CG2 . VAL A 1 19 ? -3.379  9.360   -4.501  1.00   17.97 ? 19   VAL A CG2 1 
ATOM   141 N  N   . CYS A 1 20 ? -6.443  8.615   -2.911  1.00   18.08 ? 20   CYS A N   1 
ATOM   142 C  CA  . CYS A 1 20 ? -7.270  7.406   -2.954  1.00   17.56 ? 20   CYS A CA  1 
ATOM   143 C  C   . CYS A 1 20 ? -8.766  7.743   -2.901  1.00   18.45 ? 20   CYS A C   1 
ATOM   144 O  O   . CYS A 1 20 ? -9.269  8.206   -1.881  1.00   19.24 ? 20   CYS A O   1 
ATOM   145 C  CB  . CYS A 1 20 ? -6.882  6.455   -1.820  1.00   15.64 ? 20   CYS A CB  1 
ATOM   146 S  SG  . CYS A 1 20 ? -7.848  4.937   -1.789  1.00   17.02 ? 20   CYS A SG  1 
ATOM   147 N  N   . PRO A 1 21 ? -9.510  7.432   -3.976  1.00   19.34 ? 21   PRO A N   1 
ATOM   148 C  CA  . PRO A 1 21 ? -10.948 7.714   -4.049  1.00   20.52 ? 21   PRO A CA  1 
ATOM   149 C  C   . PRO A 1 21 ? -11.831 7.002   -3.027  1.00   22.61 ? 21   PRO A C   1 
ATOM   150 O  O   . PRO A 1 21 ? -12.923 7.480   -2.714  1.00   23.59 ? 21   PRO A O   1 
ATOM   151 C  CB  . PRO A 1 21 ? -11.304 7.288   -5.472  1.00   20.46 ? 21   PRO A CB  1 
ATOM   152 C  CG  . PRO A 1 21 ? -10.357 6.156   -5.727  1.00   21.77 ? 21   PRO A CG  1 
ATOM   153 C  CD  . PRO A 1 21 ? -9.061  6.718   -5.186  1.00   20.16 ? 21   PRO A CD  1 
ATOM   154 N  N   . VAL A 1 22 ? -11.386 5.847   -2.537  1.00   21.59 ? 22   VAL A N   1 
ATOM   155 C  CA  . VAL A 1 22 ? -12.173 5.085   -1.570  1.00   21.24 ? 22   VAL A CA  1 
ATOM   156 C  C   . VAL A 1 22 ? -11.638 5.132   -0.144  1.00   21.39 ? 22   VAL A C   1 
ATOM   157 O  O   . VAL A 1 22 ? -12.196 4.488   0.746   1.00   22.40 ? 22   VAL A O   1 
ATOM   158 C  CB  . VAL A 1 22 ? -12.355 3.608   -2.007  1.00   21.49 ? 22   VAL A CB  1 
ATOM   159 C  CG1 . VAL A 1 22 ? -13.218 3.542   -3.259  1.00   24.41 ? 22   VAL A CG1 1 
ATOM   160 C  CG2 . VAL A 1 22 ? -11.006 2.950   -2.262  1.00   20.38 ? 22   VAL A CG2 1 
ATOM   161 N  N   . GLU A 1 23 ? -10.567 5.898   0.065   1.00   19.68 ? 23   GLU A N   1 
ATOM   162 C  CA  . GLU A 1 23 ? -9.943  6.050   1.383   1.00   20.89 ? 23   GLU A CA  1 
ATOM   163 C  C   . GLU A 1 23 ? -9.675  4.714   2.081   1.00   18.83 ? 23   GLU A C   1 
ATOM   164 O  O   . GLU A 1 23 ? -10.037 4.527   3.244   1.00   19.86 ? 23   GLU A O   1 
ATOM   165 C  CB  . GLU A 1 23 ? -10.814 6.940   2.284   1.00   24.69 ? 23   GLU A CB  1 
ATOM   166 C  CG  . GLU A 1 23 ? -11.125 8.324   1.707   1.00   29.86 ? 23   GLU A CG  1 
ATOM   167 C  CD  . GLU A 1 23 ? -12.203 9.075   2.487   1.00   34.02 ? 23   GLU A CD  1 
ATOM   168 O  OE1 . GLU A 1 23 ? -12.875 8.463   3.349   1.00   35.90 ? 23   GLU A OE1 1 
ATOM   169 O  OE2 . GLU A 1 23 ? -12.385 10.286  2.232   1.00   36.24 ? 23   GLU A OE2 1 
ATOM   170 N  N   . CYS A 1 24 ? -9.008  3.803   1.379   1.00   16.57 ? 24   CYS A N   1 
ATOM   171 C  CA  . CYS A 1 24 ? -8.700  2.496   1.938   1.00   15.12 ? 24   CYS A CA  1 
ATOM   172 C  C   . CYS A 1 24 ? -7.227  2.317   2.328   1.00   13.19 ? 24   CYS A C   1 
ATOM   173 O  O   . CYS A 1 24 ? -6.736  1.193   2.414   1.00   13.04 ? 24   CYS A O   1 
ATOM   174 C  CB  . CYS A 1 24 ? -9.129  1.402   0.963   1.00   15.60 ? 24   CYS A CB  1 
ATOM   175 S  SG  . CYS A 1 24 ? -8.236  1.420   -0.599  1.00   16.52 ? 24   CYS A SG  1 
ATOM   176 N  N   . ILE A 1 25 ? -6.526  3.423   2.555   1.00   13.05 ? 25   ILE A N   1 
ATOM   177 C  CA  . ILE A 1 25 ? -5.121  3.376   2.959   1.00   12.55 ? 25   ILE A CA  1 
ATOM   178 C  C   . ILE A 1 25 ? -5.102  3.809   4.422   1.00   14.09 ? 25   ILE A C   1 
ATOM   179 O  O   . ILE A 1 25 ? -5.513  4.931   4.750   1.00   15.44 ? 25   ILE A O   1 
ATOM   180 C  CB  . ILE A 1 25 ? -4.238  4.305   2.099   1.00   11.97 ? 25   ILE A CB  1 
ATOM   181 C  CG1 . ILE A 1 25 ? -4.312  3.875   0.628   1.00   12.18 ? 25   ILE A CG1 1 
ATOM   182 C  CG2 . ILE A 1 25 ? -2.787  4.258   2.592   1.00   12.25 ? 25   ILE A CG2 1 
ATOM   183 C  CD1 . ILE A 1 25 ? -3.525  4.749   -0.327  1.00   12.00 ? 25   ILE A CD1 1 
ATOM   184 N  N   . TYR A 1 26 ? -4.630  2.920   5.291   1.00   12.39 ? 26   TYR A N   1 
ATOM   185 C  CA  . TYR A 1 26 ? -4.631  3.165   6.728   1.00   13.03 ? 26   TYR A CA  1 
ATOM   186 C  C   . TYR A 1 26 ? -3.269  3.051   7.411   1.00   14.60 ? 26   TYR A C   1 
ATOM   187 O  O   . TYR A 1 26 ? -2.365  2.363   6.929   1.00   13.45 ? 26   TYR A O   1 
ATOM   188 C  CB  . TYR A 1 26 ? -5.591  2.184   7.409   1.00   12.69 ? 26   TYR A CB  1 
ATOM   189 C  CG  . TYR A 1 26 ? -6.980  2.124   6.813   1.00   15.42 ? 26   TYR A CG  1 
ATOM   190 C  CD1 . TYR A 1 26 ? -7.972  3.017   7.224   1.00   16.63 ? 26   TYR A CD1 1 
ATOM   191 C  CD2 . TYR A 1 26 ? -7.315  1.155   5.858   1.00   14.14 ? 26   TYR A CD2 1 
ATOM   192 C  CE1 . TYR A 1 26 ? -9.262  2.950   6.713   1.00   15.25 ? 26   TYR A CE1 1 
ATOM   193 C  CE2 . TYR A 1 26 ? -8.604  1.077   5.341   1.00   14.79 ? 26   TYR A CE2 1 
ATOM   194 C  CZ  . TYR A 1 26 ? -9.571  1.980   5.777   1.00   16.55 ? 26   TYR A CZ  1 
ATOM   195 O  OH  . TYR A 1 26 ? -10.848 1.904   5.291   1.00   18.07 ? 26   TYR A OH  1 
ATOM   196 N  N   . ASP A 1 27 ? -3.159  3.687   8.576   1.00   15.38 ? 27   ASP A N   1 
ATOM   197 C  CA  . ASP A 1 27 ? -1.939  3.681   9.373   1.00   16.10 ? 27   ASP A CA  1 
ATOM   198 C  C   . ASP A 1 27 ? -1.762  2.312   10.025  1.00   15.99 ? 27   ASP A C   1 
ATOM   199 O  O   . ASP A 1 27 ? -2.593  1.889   10.825  1.00   17.48 ? 27   ASP A O   1 
ATOM   200 C  CB  . ASP A 1 27 ? -2.028  4.770   10.454  1.00   16.17 ? 27   ASP A CB  1 
ATOM   201 C  CG  . ASP A 1 27 ? -0.706  5.011   11.170  1.00   20.08 ? 27   ASP A CG  1 
ATOM   202 O  OD1 . ASP A 1 27 ? 0.233   4.199   11.045  1.00   21.71 ? 27   ASP A OD1 1 
ATOM   203 O  OD2 . ASP A 1 27 ? -0.601  6.033   11.870  1.00   25.38 ? 27   ASP A OD2 1 
ATOM   204 N  N   . GLY A 1 28 ? -0.663  1.638   9.701   1.00   16.17 ? 28   GLY A N   1 
ATOM   205 C  CA  . GLY A 1 28 ? -0.405  0.328   10.267  1.00   17.76 ? 28   GLY A CA  1 
ATOM   206 C  C   . GLY A 1 28 ? 0.750   0.312   11.250  1.00   18.94 ? 28   GLY A C   1 
ATOM   207 O  O   . GLY A 1 28 ? 1.294   -0.750  11.552  1.00   20.88 ? 28   GLY A O   1 
ATOM   208 N  N   . GLY A 1 29 ? 1.142   1.482   11.743  1.00   17.27 ? 29   GLY A N   1 
ATOM   209 C  CA  . GLY A 1 29 ? 2.238   1.549   12.691  1.00   18.05 ? 29   GLY A CA  1 
ATOM   210 C  C   . GLY A 1 29 ? 3.555   1.883   12.022  1.00   19.23 ? 29   GLY A C   1 
ATOM   211 O  O   . GLY A 1 29 ? 3.882   3.057   11.855  1.00   21.59 ? 29   GLY A O   1 
ATOM   212 N  N   . ASP A 1 30 ? 4.306   0.867   11.609  1.00   19.71 ? 30   ASP A N   1 
ATOM   213 C  CA  . ASP A 1 30 ? 5.587   1.115   10.955  1.00   18.23 ? 30   ASP A CA  1 
ATOM   214 C  C   . ASP A 1 30 ? 5.447   1.524   9.485   1.00   17.10 ? 30   ASP A C   1 
ATOM   215 O  O   . ASP A 1 30 ? 6.412   1.969   8.863   1.00   17.11 ? 30   ASP A O   1 
ATOM   216 C  CB  . ASP A 1 30 ? 6.538   -0.083  11.125  1.00   20.72 ? 30   ASP A CB  1 
ATOM   217 C  CG  . ASP A 1 30 ? 6.089   -1.335  10.368  1.00   26.40 ? 30   ASP A CG  1 
ATOM   218 O  OD1 . ASP A 1 30 ? 4.902   -1.461  9.980   1.00   27.62 ? 30   ASP A OD1 1 
ATOM   219 O  OD2 . ASP A 1 30 ? 6.952   -2.218  10.178  1.00   29.52 ? 30   ASP A OD2 1 
ATOM   220 N  N   . GLN A 1 31 ? 4.236   1.400   8.950   1.00   15.11 ? 31   GLN A N   1 
ATOM   221 C  CA  . GLN A 1 31 ? 3.956   1.767   7.566   1.00   13.88 ? 31   GLN A CA  1 
ATOM   222 C  C   . GLN A 1 31 ? 2.446   1.863   7.389   1.00   13.70 ? 31   GLN A C   1 
ATOM   223 O  O   . GLN A 1 31 ? 1.684   1.452   8.270   1.00   14.16 ? 31   GLN A O   1 
ATOM   224 C  CB  . GLN A 1 31 ? 4.493   0.696   6.602   1.00   12.01 ? 31   GLN A CB  1 
ATOM   225 C  CG  . GLN A 1 31 ? 3.811   -0.678  6.726   1.00   12.47 ? 31   GLN A CG  1 
ATOM   226 C  CD  . GLN A 1 31 ? 4.162   -1.628  5.580   1.00   14.61 ? 31   GLN A CD  1 
ATOM   227 O  OE1 . GLN A 1 31 ? 5.062   -2.455  5.694   1.00   15.04 ? 31   GLN A OE1 1 
ATOM   228 N  NE2 . GLN A 1 31 ? 3.436   -1.517  4.477   1.00   14.98 ? 31   GLN A NE2 1 
ATOM   229 N  N   . PHE A 1 32 ? 2.016   2.471   6.292   1.00   12.57 ? 32   PHE A N   1 
ATOM   230 C  CA  . PHE A 1 32 ? 0.594   2.538   5.986   1.00   11.89 ? 32   PHE A CA  1 
ATOM   231 C  C   . PHE A 1 32 ? 0.323   1.261   5.189   1.00   11.75 ? 32   PHE A C   1 
ATOM   232 O  O   . PHE A 1 32 ? 1.263   0.598   4.743   1.00   12.55 ? 32   PHE A O   1 
ATOM   233 C  CB  . PHE A 1 32 ? 0.260   3.787   5.167   1.00   10.75 ? 32   PHE A CB  1 
ATOM   234 C  CG  . PHE A 1 32 ? -0.161  4.959   6.007   1.00   13.05 ? 32   PHE A CG  1 
ATOM   235 C  CD1 . PHE A 1 32 ? 0.750   5.604   6.841   1.00   16.41 ? 32   PHE A CD1 1 
ATOM   236 C  CD2 . PHE A 1 32 ? -1.481  5.388   6.007   1.00   14.08 ? 32   PHE A CD2 1 
ATOM   237 C  CE1 . PHE A 1 32 ? 0.346   6.659   7.671   1.00   14.88 ? 32   PHE A CE1 1 
ATOM   238 C  CE2 . PHE A 1 32 ? -1.897  6.442   6.834   1.00   14.91 ? 32   PHE A CE2 1 
ATOM   239 C  CZ  . PHE A 1 32 ? -0.977  7.074   7.667   1.00   15.21 ? 32   PHE A CZ  1 
ATOM   240 N  N   . TYR A 1 33 ? -0.935  0.863   5.077   1.00   11.65 ? 33   TYR A N   1 
ATOM   241 C  CA  . TYR A 1 33 ? -1.258  -0.344  4.334   1.00   11.69 ? 33   TYR A CA  1 
ATOM   242 C  C   . TYR A 1 33 ? -2.533  -0.114  3.556   1.00   12.03 ? 33   TYR A C   1 
ATOM   243 O  O   . TYR A 1 33 ? -3.303  0.799   3.869   1.00   11.90 ? 33   TYR A O   1 
ATOM   244 C  CB  . TYR A 1 33 ? -1.412  -1.541  5.281   1.00   12.00 ? 33   TYR A CB  1 
ATOM   245 C  CG  . TYR A 1 33 ? -2.617  -1.456  6.189   1.00   13.67 ? 33   TYR A CG  1 
ATOM   246 C  CD1 . TYR A 1 33 ? -3.837  -2.011  5.807   1.00   14.81 ? 33   TYR A CD1 1 
ATOM   247 C  CD2 . TYR A 1 33 ? -2.540  -0.812  7.424   1.00   15.64 ? 33   TYR A CD2 1 
ATOM   248 C  CE1 . TYR A 1 33 ? -4.951  -1.925  6.627   1.00   17.08 ? 33   TYR A CE1 1 
ATOM   249 C  CE2 . TYR A 1 33 ? -3.649  -0.723  8.253   1.00   16.94 ? 33   TYR A CE2 1 
ATOM   250 C  CZ  . TYR A 1 33 ? -4.850  -1.279  7.849   1.00   19.38 ? 33   TYR A CZ  1 
ATOM   251 O  OH  . TYR A 1 33 ? -5.955  -1.189  8.671   1.00   23.06 ? 33   TYR A OH  1 
ATOM   252 N  N   . ILE A 1 34 ? -2.733  -0.925  2.524   1.00   11.68 ? 34   ILE A N   1 
ATOM   253 C  CA  . ILE A 1 34 ? -3.915  -0.841  1.679   1.00   10.94 ? 34   ILE A CA  1 
ATOM   254 C  C   . ILE A 1 34 ? -4.851  -1.994  2.025   1.00   12.58 ? 34   ILE A C   1 
ATOM   255 O  O   . ILE A 1 34 ? -4.430  -3.158  2.046   1.00   13.15 ? 34   ILE A O   1 
ATOM   256 C  CB  . ILE A 1 34 ? -3.528  -0.902  0.175   1.00   10.95 ? 34   ILE A CB  1 
ATOM   257 C  CG1 . ILE A 1 34 ? -2.839  0.407   -0.239  1.00   10.51 ? 34   ILE A CG1 1 
ATOM   258 C  CG2 . ILE A 1 34 ? -4.758  -1.152  -0.687  1.00   11.10 ? 34   ILE A CG2 1 
ATOM   259 C  CD1 . ILE A 1 34 ? -2.205  0.373   -1.622  1.00   11.07 ? 34   ILE A CD1 1 
ATOM   260 N  N   . HIS A 1 35 ? -6.103  -1.682  2.348   1.00   13.29 ? 35   HIS A N   1 
ATOM   261 C  CA  . HIS A 1 35 ? -7.060  -2.732  2.664   1.00   14.64 ? 35   HIS A CA  1 
ATOM   262 C  C   . HIS A 1 35 ? -7.441  -3.420  1.347   1.00   15.10 ? 35   HIS A C   1 
ATOM   263 O  O   . HIS A 1 35 ? -8.105  -2.831  0.497   1.00   15.43 ? 35   HIS A O   1 
ATOM   264 C  CB  . HIS A 1 35 ? -8.290  -2.159  3.356   1.00   15.06 ? 35   HIS A CB  1 
ATOM   265 C  CG  . HIS A 1 35 ? -9.157  -3.203  3.976   1.00   17.36 ? 35   HIS A CG  1 
ATOM   266 N  ND1 . HIS A 1 35 ? -9.437  -3.232  5.324   1.00   20.86 ? 35   HIS A ND1 1 
ATOM   267 C  CD2 . HIS A 1 35 ? -9.786  -4.275  3.436   1.00   16.56 ? 35   HIS A CD2 1 
ATOM   268 C  CE1 . HIS A 1 35 ? -10.202 -4.279  5.589   1.00   19.74 ? 35   HIS A CE1 1 
ATOM   269 N  NE2 . HIS A 1 35 ? -10.428 -4.927  4.460   1.00   19.00 ? 35   HIS A NE2 1 
ATOM   270 N  N   . PRO A 1 36 ? -7.083  -4.706  1.203   1.00   17.46 ? 36   PRO A N   1 
ATOM   271 C  CA  . PRO A 1 36 ? -7.331  -5.539  0.019   1.00   20.48 ? 36   PRO A CA  1 
ATOM   272 C  C   . PRO A 1 36 ? -8.776  -5.645  -0.436  1.00   21.00 ? 36   PRO A C   1 
ATOM   273 O  O   . PRO A 1 36 ? -9.044  -5.662  -1.637  1.00   23.02 ? 36   PRO A O   1 
ATOM   274 C  CB  . PRO A 1 36 ? -6.798  -6.911  0.442   1.00   22.36 ? 36   PRO A CB  1 
ATOM   275 C  CG  . PRO A 1 36 ? -5.805  -6.592  1.519   1.00   24.53 ? 36   PRO A CG  1 
ATOM   276 C  CD  . PRO A 1 36 ? -6.506  -5.517  2.287   1.00   18.49 ? 36   PRO A CD  1 
ATOM   277 N  N   . GLU A 1 37 ? -9.691  -5.744  0.522   1.00   20.27 ? 37   GLU A N   1 
ATOM   278 C  CA  . GLU A 1 37 ? -11.115 -5.873  0.219   1.00   24.23 ? 37   GLU A CA  1 
ATOM   279 C  C   . GLU A 1 37 ? -11.783 -4.555  -0.166  1.00   23.32 ? 37   GLU A C   1 
ATOM   280 O  O   . GLU A 1 37 ? -12.902 -4.556  -0.667  1.00   25.91 ? 37   GLU A O   1 
ATOM   281 C  CB  . GLU A 1 37 ? -11.866 -6.486  1.413   1.00   30.80 ? 37   GLU A CB  1 
ATOM   282 C  CG  . GLU A 1 37 ? -11.269 -7.782  1.982   1.00   44.10 ? 37   GLU A CG  1 
ATOM   283 C  CD  . GLU A 1 37 ? -11.413 -8.991  1.056   1.00   52.00 ? 37   GLU A CD  1 
ATOM   284 O  OE1 . GLU A 1 37 ? -12.559 -9.438  0.828   1.00   57.61 ? 37   GLU A OE1 1 
ATOM   285 O  OE2 . GLU A 1 37 ? -10.377 -9.515  0.577   1.00   55.55 ? 37   GLU A OE2 1 
ATOM   286 N  N   . GLU A 1 38 ? -11.118 -3.434  0.099   1.00   19.26 ? 38   GLU A N   1 
ATOM   287 C  CA  . GLU A 1 38 ? -11.690 -2.126  -0.221  1.00   18.01 ? 38   GLU A CA  1 
ATOM   288 C  C   . GLU A 1 38 ? -11.091 -1.502  -1.481  1.00   16.95 ? 38   GLU A C   1 
ATOM   289 O  O   . GLU A 1 38 ? -11.769 -0.758  -2.198  1.00   17.89 ? 38   GLU A O   1 
ATOM   290 C  CB  . GLU A 1 38 ? -11.527 -1.161  0.961   1.00   15.66 ? 38   GLU A CB  1 
ATOM   291 C  CG  . GLU A 1 38 ? -12.261 -1.598  2.218   1.00   16.46 ? 38   GLU A CG  1 
ATOM   292 C  CD  . GLU A 1 38 ? -12.063 -0.649  3.397   1.00   18.89 ? 38   GLU A CD  1 
ATOM   293 O  OE1 . GLU A 1 38 ? -11.272 0.311   3.294   1.00   20.70 ? 38   GLU A OE1 1 
ATOM   294 O  OE2 . GLU A 1 38 ? -12.711 -0.871  4.440   1.00   21.80 ? 38   GLU A OE2 1 
ATOM   295 N  N   . CYS A 1 39 ? -9.810  -1.772  -1.715  1.00   15.81 ? 39   CYS A N   1 
ATOM   296 C  CA  . CYS A 1 39 ? -9.101  -1.242  -2.872  1.00   15.46 ? 39   CYS A CA  1 
ATOM   297 C  C   . CYS A 1 39 ? -9.787  -1.601  -4.197  1.00   17.15 ? 39   CYS A C   1 
ATOM   298 O  O   . CYS A 1 39 ? -10.123 -2.762  -4.433  1.00   19.29 ? 39   CYS A O   1 
ATOM   299 C  CB  . CYS A 1 39 ? -7.657  -1.750  -2.866  1.00   13.76 ? 39   CYS A CB  1 
ATOM   300 S  SG  . CYS A 1 39 ? -6.681  -1.232  -4.287  1.00   14.16 ? 39   CYS A SG  1 
ATOM   301 N  N   . ILE A 1 40 ? -9.992  -0.602  -5.055  1.00   16.99 ? 40   ILE A N   1 
ATOM   302 C  CA  . ILE A 1 40 ? -10.636 -0.813  -6.356  1.00   18.23 ? 40   ILE A CA  1 
ATOM   303 C  C   . ILE A 1 40 ? -9.631  -0.896  -7.506  1.00   17.98 ? 40   ILE A C   1 
ATOM   304 O  O   . ILE A 1 40 ? -10.017 -0.929  -8.676  1.00   17.24 ? 40   ILE A O   1 
ATOM   305 C  CB  . ILE A 1 40 ? -11.683 0.290   -6.673  1.00   18.08 ? 40   ILE A CB  1 
ATOM   306 C  CG1 . ILE A 1 40 ? -11.017 1.664   -6.726  1.00   18.15 ? 40   ILE A CG1 1 
ATOM   307 C  CG2 . ILE A 1 40 ? -12.815 0.261   -5.644  1.00   19.59 ? 40   ILE A CG2 1 
ATOM   308 C  CD1 . ILE A 1 40 ? -11.970 2.774   -7.101  1.00   20.77 ? 40   ILE A CD1 1 
ATOM   309 N  N   . ASP A 1 41 ? -8.345  -0.892  -7.166  1.00   17.72 ? 41   ASP A N   1 
ATOM   310 C  CA  . ASP A 1 41 ? -7.271  -0.993  -8.147  1.00   17.90 ? 41   ASP A CA  1 
ATOM   311 C  C   . ASP A 1 41 ? -7.253  0.097   -9.208  1.00   19.09 ? 41   ASP A C   1 
ATOM   312 O  O   . ASP A 1 41 ? -6.913  -0.170  -10.362 1.00   19.86 ? 41   ASP A O   1 
ATOM   313 C  CB  . ASP A 1 41 ? -7.297  -2.367  -8.831  1.00   17.50 ? 41   ASP A CB  1 
ATOM   314 C  CG  . ASP A 1 41 ? -6.760  -3.463  -7.946  1.00   20.05 ? 41   ASP A CG  1 
ATOM   315 O  OD1 . ASP A 1 41 ? -5.617  -3.326  -7.481  1.00   18.62 ? 41   ASP A OD1 1 
ATOM   316 O  OD2 . ASP A 1 41 ? -7.471  -4.459  -7.709  1.00   22.15 ? 41   ASP A OD2 1 
ATOM   317 N  N   . CYS A 1 42 ? -7.575  1.327   -8.824  1.00   18.12 ? 42   CYS A N   1 
ATOM   318 C  CA  . CYS A 1 42 ? -7.560  2.419   -9.789  1.00   18.23 ? 42   CYS A CA  1 
ATOM   319 C  C   . CYS A 1 42 ? -6.123  2.864   -10.124 1.00   18.90 ? 42   CYS A C   1 
ATOM   320 O  O   . CYS A 1 42 ? -5.893  3.505   -11.148 1.00   18.42 ? 42   CYS A O   1 
ATOM   321 C  CB  . CYS A 1 42 ? -8.387  3.592   -9.279  1.00   19.26 ? 42   CYS A CB  1 
ATOM   322 S  SG  . CYS A 1 42 ? -7.648  4.429   -7.883  1.00   21.46 ? 42   CYS A SG  1 
ATOM   323 N  N   . GLY A 1 43 ? -5.169  2.555   -9.243  1.00   17.92 ? 43   GLY A N   1 
ATOM   324 C  CA  . GLY A 1 43 ? -3.771  2.898   -9.485  1.00   15.23 ? 43   GLY A CA  1 
ATOM   325 C  C   . GLY A 1 43 ? -3.319  4.322   -9.210  1.00   14.95 ? 43   GLY A C   1 
ATOM   326 O  O   . GLY A 1 43 ? -2.127  4.612   -9.304  1.00   16.13 ? 43   GLY A O   1 
ATOM   327 N  N   . ALA A 1 44 ? -4.238  5.190   -8.801  1.00   15.51 ? 44   ALA A N   1 
ATOM   328 C  CA  . ALA A 1 44 ? -3.916  6.594   -8.524  1.00   15.85 ? 44   ALA A CA  1 
ATOM   329 C  C   . ALA A 1 44 ? -2.832  6.808   -7.467  1.00   15.67 ? 44   ALA A C   1 
ATOM   330 O  O   . ALA A 1 44 ? -2.071  7.774   -7.526  1.00   15.58 ? 44   ALA A O   1 
ATOM   331 C  CB  . ALA A 1 44 ? -5.183  7.352   -8.132  1.00   16.90 ? 44   ALA A CB  1 
ATOM   332 N  N   . CYS A 1 45 ? -2.759  5.900   -6.505  1.00   15.14 ? 45   CYS A N   1 
ATOM   333 C  CA  . CYS A 1 45 ? -1.794  6.002   -5.421  1.00   15.24 ? 45   CYS A CA  1 
ATOM   334 C  C   . CYS A 1 45 ? -0.346  5.747   -5.823  1.00   16.12 ? 45   CYS A C   1 
ATOM   335 O  O   . CYS A 1 45 ? 0.576   6.214   -5.144  1.00   16.62 ? 45   CYS A O   1 
ATOM   336 C  CB  . CYS A 1 45 ? -2.183  5.035   -4.307  1.00   14.38 ? 45   CYS A CB  1 
ATOM   337 S  SG  . CYS A 1 45 ? -2.335  3.344   -4.883  1.00   14.51 ? 45   CYS A SG  1 
ATOM   338 N  N   . VAL A 1 46 ? -0.140  5.032   -6.929  1.00   15.23 ? 46   VAL A N   1 
ATOM   339 C  CA  . VAL A 1 46 ? 1.213   4.703   -7.386  1.00   15.98 ? 46   VAL A CA  1 
ATOM   340 C  C   . VAL A 1 46 ? 2.118   5.909   -7.669  1.00   15.69 ? 46   VAL A C   1 
ATOM   341 O  O   . VAL A 1 46 ? 3.201   6.008   -7.095  1.00   15.79 ? 46   VAL A O   1 
ATOM   342 C  CB  . VAL A 1 46 ? 1.187   3.731   -8.583  1.00   15.16 ? 46   VAL A CB  1 
ATOM   343 C  CG1 . VAL A 1 46 ? 2.605   3.480   -9.100  1.00   17.78 ? 46   VAL A CG1 1 
ATOM   344 C  CG2 . VAL A 1 46 ? 0.541   2.413   -8.150  1.00   15.89 ? 46   VAL A CG2 1 
ATOM   345 N  N   . PRO A 1 47 ? 1.686   6.844   -8.538  1.00   15.11 ? 47   PRO A N   1 
ATOM   346 C  CA  . PRO A 1 47 ? 2.554   8.002   -8.801  1.00   15.66 ? 47   PRO A CA  1 
ATOM   347 C  C   . PRO A 1 47 ? 2.696   8.946   -7.604  1.00   15.68 ? 47   PRO A C   1 
ATOM   348 O  O   . PRO A 1 47 ? 3.681   9.667   -7.498  1.00   17.03 ? 47   PRO A O   1 
ATOM   349 C  CB  . PRO A 1 47 ? 1.863   8.688   -9.986  1.00   14.72 ? 47   PRO A CB  1 
ATOM   350 C  CG  . PRO A 1 47 ? 0.435   8.318   -9.825  1.00   14.38 ? 47   PRO A CG  1 
ATOM   351 C  CD  . PRO A 1 47 ? 0.500   6.868   -9.411  1.00   16.41 ? 47   PRO A CD  1 
ATOM   352 N  N   . ALA A 1 48 ? 1.735   8.900   -6.687  1.00   14.49 ? 48   ALA A N   1 
ATOM   353 C  CA  . ALA A 1 48 ? 1.747   9.767   -5.510  1.00   14.67 ? 48   ALA A CA  1 
ATOM   354 C  C   . ALA A 1 48 ? 2.823   9.461   -4.469  1.00   15.22 ? 48   ALA A C   1 
ATOM   355 O  O   . ALA A 1 48 ? 3.230   10.352  -3.721  1.00   16.23 ? 48   ALA A O   1 
ATOM   356 C  CB  . ALA A 1 48 ? 0.370   9.777   -4.851  1.00   13.91 ? 48   ALA A CB  1 
ATOM   357 N  N   . CYS A 1 49 ? 3.260   8.211   -4.377  1.00   13.06 ? 49   CYS A N   1 
ATOM   358 C  CA  . CYS A 1 49 ? 4.273   7.869   -3.392  1.00   13.03 ? 49   CYS A CA  1 
ATOM   359 C  C   . CYS A 1 49 ? 5.672   8.280   -3.842  1.00   15.73 ? 49   CYS A C   1 
ATOM   360 O  O   . CYS A 1 49 ? 6.214   7.721   -4.798  1.00   15.63 ? 49   CYS A O   1 
ATOM   361 C  CB  . CYS A 1 49 ? 4.242   6.383   -3.059  1.00   12.77 ? 49   CYS A CB  1 
ATOM   362 S  SG  . CYS A 1 49 ? 5.498   5.938   -1.834  1.00   13.66 ? 49   CYS A SG  1 
ATOM   363 N  N   . PRO A 1 50 ? 6.314   9.206   -3.099  1.00   16.27 ? 50   PRO A N   1 
ATOM   364 C  CA  . PRO A 1 50 ? 7.658   9.689   -3.428  1.00   16.85 ? 50   PRO A CA  1 
ATOM   365 C  C   . PRO A 1 50 ? 8.766   8.639   -3.363  1.00   18.06 ? 50   PRO A C   1 
ATOM   366 O  O   . PRO A 1 50 ? 9.826   8.815   -3.971  1.00   19.61 ? 50   PRO A O   1 
ATOM   367 C  CB  . PRO A 1 50 ? 7.869   10.815  -2.414  1.00   16.75 ? 50   PRO A CB  1 
ATOM   368 C  CG  . PRO A 1 50 ? 7.102   10.352  -1.244  1.00   18.41 ? 50   PRO A CG  1 
ATOM   369 C  CD  . PRO A 1 50 ? 5.825   9.842   -1.865  1.00   16.59 ? 50   PRO A CD  1 
ATOM   370 N  N   . VAL A 1 51 ? 8.522   7.550   -2.636  1.00   16.24 ? 51   VAL A N   1 
ATOM   371 C  CA  . VAL A 1 51 ? 9.520   6.492   -2.513  1.00   14.03 ? 51   VAL A CA  1 
ATOM   372 C  C   . VAL A 1 51 ? 9.182   5.210   -3.287  1.00   14.38 ? 51   VAL A C   1 
ATOM   373 O  O   . VAL A 1 51 ? 9.785   4.160   -3.054  1.00   15.61 ? 51   VAL A O   1 
ATOM   374 C  CB  . VAL A 1 51 ? 9.846   6.172   -1.025  1.00   15.98 ? 51   VAL A CB  1 
ATOM   375 C  CG1 . VAL A 1 51 ? 10.599  7.336   -0.393  1.00   16.08 ? 51   VAL A CG1 1 
ATOM   376 C  CG2 . VAL A 1 51 ? 8.572   5.873   -0.238  1.00   15.29 ? 51   VAL A CG2 1 
ATOM   377 N  N   . ASN A 1 52 ? 8.223   5.298   -4.208  1.00   14.06 ? 52   ASN A N   1 
ATOM   378 C  CA  . ASN A 1 52 ? 7.835   4.149   -5.041  1.00   13.48 ? 52   ASN A CA  1 
ATOM   379 C  C   . ASN A 1 52 ? 7.509   2.895   -4.229  1.00   13.43 ? 52   ASN A C   1 
ATOM   380 O  O   . ASN A 1 52 ? 7.869   1.783   -4.607  1.00   15.63 ? 52   ASN A O   1 
ATOM   381 C  CB  . ASN A 1 52 ? 8.959   3.830   -6.036  1.00   13.59 ? 52   ASN A CB  1 
ATOM   382 C  CG  . ASN A 1 52 ? 9.349   5.030   -6.872  1.00   16.60 ? 52   ASN A CG  1 
ATOM   383 O  OD1 . ASN A 1 52 ? 8.499   5.661   -7.485  1.00   19.22 ? 52   ASN A OD1 1 
ATOM   384 N  ND2 . ASN A 1 52 ? 10.636  5.361   -6.885  1.00   16.20 ? 52   ASN A ND2 1 
ATOM   385 N  N   . ALA A 1 53 ? 6.787   3.065   -3.133  1.00   11.79 ? 53   ALA A N   1 
ATOM   386 C  CA  . ALA A 1 53 ? 6.455   1.930   -2.283  1.00   12.37 ? 53   ALA A CA  1 
ATOM   387 C  C   . ALA A 1 53 ? 5.253   1.107   -2.725  1.00   12.25 ? 53   ALA A C   1 
ATOM   388 O  O   . ALA A 1 53 ? 5.109   -0.037  -2.311  1.00   12.39 ? 53   ALA A O   1 
ATOM   389 C  CB  . ALA A 1 53 ? 6.243   2.409   -0.844  1.00   11.34 ? 53   ALA A CB  1 
ATOM   390 N  N   . ILE A 1 54 ? 4.412   1.673   -3.584  1.00   13.26 ? 54   ILE A N   1 
ATOM   391 C  CA  . ILE A 1 54 ? 3.180   1.009   -3.997  1.00   12.40 ? 54   ILE A CA  1 
ATOM   392 C  C   . ILE A 1 54 ? 3.225   0.279   -5.335  1.00   12.78 ? 54   ILE A C   1 
ATOM   393 O  O   . ILE A 1 54 ? 3.623   0.850   -6.352  1.00   12.57 ? 54   ILE A O   1 
ATOM   394 C  CB  . ILE A 1 54 ? 2.010   2.014   -3.983  1.00   11.67 ? 54   ILE A CB  1 
ATOM   395 C  CG1 . ILE A 1 54 ? 1.980   2.745   -2.634  1.00   11.80 ? 54   ILE A CG1 1 
ATOM   396 C  CG2 . ILE A 1 54 ? 0.694   1.291   -4.201  1.00   12.52 ? 54   ILE A CG2 1 
ATOM   397 C  CD1 . ILE A 1 54 ? 0.942   3.832   -2.533  1.00   13.84 ? 54   ILE A CD1 1 
ATOM   398 N  N   . TYR A 1 55 ? 2.779   -0.975  -5.320  1.00   13.45 ? 55   TYR A N   1 
ATOM   399 C  CA  . TYR A 1 55 ? 2.753   -1.832  -6.504  1.00   13.71 ? 55   TYR A CA  1 
ATOM   400 C  C   . TYR A 1 55 ? 1.458   -2.610  -6.638  1.00   15.37 ? 55   TYR A C   1 
ATOM   401 O  O   . TYR A 1 55 ? 0.810   -2.918  -5.632  1.00   13.57 ? 55   TYR A O   1 
ATOM   402 C  CB  . TYR A 1 55 ? 3.842   -2.908  -6.403  1.00   14.79 ? 55   TYR A CB  1 
ATOM   403 C  CG  . TYR A 1 55 ? 5.249   -2.436  -6.615  1.00   14.83 ? 55   TYR A CG  1 
ATOM   404 C  CD1 . TYR A 1 55 ? 6.017   -1.963  -5.550  1.00   15.77 ? 55   TYR A CD1 1 
ATOM   405 C  CD2 . TYR A 1 55 ? 5.813   -2.454  -7.884  1.00   18.09 ? 55   TYR A CD2 1 
ATOM   406 C  CE1 . TYR A 1 55 ? 7.315   -1.514  -5.747  1.00   18.38 ? 55   TYR A CE1 1 
ATOM   407 C  CE2 . TYR A 1 55 ? 7.109   -2.008  -8.095  1.00   20.40 ? 55   TYR A CE2 1 
ATOM   408 C  CZ  . TYR A 1 55 ? 7.857   -1.536  -7.025  1.00   20.13 ? 55   TYR A CZ  1 
ATOM   409 O  OH  . TYR A 1 55 ? 9.129   -1.056  -7.252  1.00   20.80 ? 55   TYR A OH  1 
ATOM   410 N  N   . PRO A 1 56 ? 1.011   -2.862  -7.884  1.00   17.17 ? 56   PRO A N   1 
ATOM   411 C  CA  . PRO A 1 56 ? -0.217  -3.647  -8.057  1.00   16.95 ? 56   PRO A CA  1 
ATOM   412 C  C   . PRO A 1 56 ? 0.228   -5.011  -7.528  1.00   13.88 ? 56   PRO A C   1 
ATOM   413 O  O   . PRO A 1 56 ? 1.402   -5.366  -7.677  1.00   14.37 ? 56   PRO A O   1 
ATOM   414 C  CB  . PRO A 1 56 ? -0.379  -3.695  -9.578  1.00   17.48 ? 56   PRO A CB  1 
ATOM   415 C  CG  . PRO A 1 56 ? 0.188   -2.388  -10.011 1.00   19.48 ? 56   PRO A CG  1 
ATOM   416 C  CD  . PRO A 1 56 ? 1.434   -2.256  -9.158  1.00   16.58 ? 56   PRO A CD  1 
ATOM   417 N  N   . GLU A 1 57 ? -0.667  -5.773  -6.911  1.00   13.71 ? 57   GLU A N   1 
ATOM   418 C  CA  . GLU A 1 57 ? -0.276  -7.066  -6.358  1.00   15.41 ? 57   GLU A CA  1 
ATOM   419 C  C   . GLU A 1 57 ? 0.476   -7.973  -7.335  1.00   17.17 ? 57   GLU A C   1 
ATOM   420 O  O   . GLU A 1 57 ? 1.489   -8.583  -6.984  1.00   16.35 ? 57   GLU A O   1 
ATOM   421 C  CB  . GLU A 1 57 ? -1.497  -7.798  -5.802  1.00   17.43 ? 57   GLU A CB  1 
ATOM   422 C  CG  . GLU A 1 57 ? -1.160  -9.154  -5.203  1.00   20.67 ? 57   GLU A CG  1 
ATOM   423 C  CD  . GLU A 1 57 ? -2.282  -9.736  -4.375  1.00   21.54 ? 57   GLU A CD  1 
ATOM   424 O  OE1 . GLU A 1 57 ? -3.236  -9.006  -4.038  1.00   23.41 ? 57   GLU A OE1 1 
ATOM   425 O  OE2 . GLU A 1 57 ? -2.198  -10.932 -4.040  1.00   22.05 ? 57   GLU A OE2 1 
ATOM   426 N  N   . GLU A 1 58 ? 0.020   -7.990  -8.580  1.00   18.52 ? 58   GLU A N   1 
ATOM   427 C  CA  . GLU A 1 58 ? 0.612   -8.827  -9.621  1.00   22.10 ? 58   GLU A CA  1 
ATOM   428 C  C   . GLU A 1 58 ? 2.041   -8.406  -9.959  1.00   22.34 ? 58   GLU A C   1 
ATOM   429 O  O   . GLU A 1 58 ? 2.817   -9.206  -10.477 1.00   22.81 ? 58   GLU A O   1 
ATOM   430 C  CB  . GLU A 1 58 ? -0.227  -8.763  -10.906 1.00   24.21 ? 58   GLU A CB  1 
ATOM   431 C  CG  . GLU A 1 58 ? -1.742  -8.685  -10.704 1.00   33.59 ? 58   GLU A CG  1 
ATOM   432 C  CD  . GLU A 1 58 ? -2.235  -7.273  -10.396 1.00   36.17 ? 58   GLU A CD  1 
ATOM   433 O  OE1 . GLU A 1 58 ? -2.569  -7.003  -9.222  1.00   36.56 ? 58   GLU A OE1 1 
ATOM   434 O  OE2 . GLU A 1 58 ? -2.287  -6.434  -11.325 1.00   40.54 ? 58   GLU A OE2 1 
ATOM   435 N  N   . ASP A 1 59 ? 2.390   -7.163  -9.641  1.00   19.33 ? 59   ASP A N   1 
ATOM   436 C  CA  . ASP A 1 59 ? 3.706   -6.633  -9.958  1.00   18.77 ? 59   ASP A CA  1 
ATOM   437 C  C   . ASP A 1 59 ? 4.632   -6.437  -8.765  1.00   18.18 ? 59   ASP A C   1 
ATOM   438 O  O   . ASP A 1 59 ? 5.717   -5.868  -8.907  1.00   18.51 ? 59   ASP A O   1 
ATOM   439 C  CB  . ASP A 1 59 ? 3.558   -5.315  -10.724 1.00   24.24 ? 59   ASP A CB  1 
ATOM   440 C  CG  . ASP A 1 59 ? 2.779   -5.475  -12.031 1.00   30.01 ? 59   ASP A CG  1 
ATOM   441 O  OD1 . ASP A 1 59 ? 3.075   -6.415  -12.806 1.00   32.80 ? 59   ASP A OD1 1 
ATOM   442 O  OD2 . ASP A 1 59 ? 1.873   -4.649  -12.286 1.00   32.82 ? 59   ASP A OD2 1 
ATOM   443 N  N   . VAL A 1 60 ? 4.216   -6.896  -7.589  1.00   18.44 ? 60   VAL A N   1 
ATOM   444 C  CA  . VAL A 1 60 ? 5.048   -6.763  -6.395  1.00   18.91 ? 60   VAL A CA  1 
ATOM   445 C  C   . VAL A 1 60 ? 6.380   -7.489  -6.628  1.00   20.46 ? 60   VAL A C   1 
ATOM   446 O  O   . VAL A 1 60 ? 6.390   -8.666  -7.013  1.00   19.52 ? 60   VAL A O   1 
ATOM   447 C  CB  . VAL A 1 60 ? 4.348   -7.352  -5.146  1.00   17.39 ? 60   VAL A CB  1 
ATOM   448 C  CG1 . VAL A 1 60 ? 5.319   -7.420  -3.973  1.00   15.07 ? 60   VAL A CG1 1 
ATOM   449 C  CG2 . VAL A 1 60 ? 3.133   -6.503  -4.780  1.00   13.35 ? 60   VAL A CG2 1 
ATOM   450 N  N   . PRO A 1 61 ? 7.518   -6.786  -6.436  1.00   19.26 ? 61   PRO A N   1 
ATOM   451 C  CA  . PRO A 1 61 ? 8.850   -7.377  -6.627  1.00   19.98 ? 61   PRO A CA  1 
ATOM   452 C  C   . PRO A 1 61 ? 9.005   -8.671  -5.839  1.00   19.46 ? 61   PRO A C   1 
ATOM   453 O  O   . PRO A 1 61 ? 8.590   -8.753  -4.682  1.00   19.65 ? 61   PRO A O   1 
ATOM   454 C  CB  . PRO A 1 61 ? 9.788   -6.284  -6.101  1.00   19.79 ? 61   PRO A CB  1 
ATOM   455 C  CG  . PRO A 1 61 ? 9.053   -5.035  -6.435  1.00   19.73 ? 61   PRO A CG  1 
ATOM   456 C  CD  . PRO A 1 61 ? 7.633   -5.378  -6.018  1.00   17.82 ? 61   PRO A CD  1 
ATOM   457 N  N   . GLU A 1 62 ? 9.636   -9.662  -6.463  1.00   21.74 ? 62   GLU A N   1 
ATOM   458 C  CA  . GLU A 1 62 ? 9.847   -10.977 -5.866  1.00   21.44 ? 62   GLU A CA  1 
ATOM   459 C  C   . GLU A 1 62 ? 10.394  -10.887 -4.448  1.00   19.79 ? 62   GLU A C   1 
ATOM   460 O  O   . GLU A 1 62 ? 9.978   -11.629 -3.563  1.00   20.40 ? 62   GLU A O   1 
ATOM   461 C  CB  . GLU A 1 62 ? 10.801  -11.795 -6.739  1.00   25.22 ? 62   GLU A CB  1 
ATOM   462 C  CG  . GLU A 1 62 ? 10.635  -13.305 -6.605  1.00   30.53 ? 62   GLU A CG  1 
ATOM   463 C  CD  . GLU A 1 62 ? 9.290   -13.800 -7.115  0.0000 29.13 ? 62   GLU A CD  1 
ATOM   464 O  OE1 . GLU A 1 62 ? 9.025   -13.675 -8.330  0.0000 29.39 ? 62   GLU A OE1 1 
ATOM   465 O  OE2 . GLU A 1 62 ? 8.499   -14.323 -6.302  0.0000 29.39 ? 62   GLU A OE2 1 
ATOM   466 N  N   . GLN A 1 63 ? 11.269  -9.920  -4.220  1.00   18.77 ? 63   GLN A N   1 
ATOM   467 C  CA  . GLN A 1 63 ? 11.887  -9.731  -2.917  1.00   18.31 ? 63   GLN A CA  1 
ATOM   468 C  C   . GLN A 1 63 ? 10.938  -9.159  -1.867  1.00   17.86 ? 63   GLN A C   1 
ATOM   469 O  O   . GLN A 1 63 ? 11.169  -9.305  -0.666  1.00   19.39 ? 63   GLN A O   1 
ATOM   470 C  CB  . GLN A 1 63 ? 13.112  -8.830  -3.053  1.00   22.44 ? 63   GLN A CB  1 
ATOM   471 C  CG  . GLN A 1 63 ? 14.183  -9.361  -4.010  1.00   27.70 ? 63   GLN A CG  1 
ATOM   472 C  CD  . GLN A 1 63 ? 13.833  -9.189  -5.486  1.00   28.07 ? 63   GLN A CD  1 
ATOM   473 O  OE1 . GLN A 1 63 ? 12.888  -8.479  -5.844  1.00   27.29 ? 63   GLN A OE1 1 
ATOM   474 N  NE2 . GLN A 1 63 ? 14.612  -9.825  -6.349  1.00   30.13 ? 63   GLN A NE2 1 
ATOM   475 N  N   . TRP A 1 64 ? 9.860   -8.530  -2.318  1.00   17.83 ? 64   TRP A N   1 
ATOM   476 C  CA  . TRP A 1 64 ? 8.890   -7.932  -1.408  1.00   17.48 ? 64   TRP A CA  1 
ATOM   477 C  C   . TRP A 1 64 ? 7.536   -8.640  -1.337  1.00   18.06 ? 64   TRP A C   1 
ATOM   478 O  O   . TRP A 1 64 ? 6.582   -8.087  -0.790  1.00   15.26 ? 64   TRP A O   1 
ATOM   479 C  CB  . TRP A 1 64 ? 8.687   -6.455  -1.760  1.00   16.67 ? 64   TRP A CB  1 
ATOM   480 C  CG  . TRP A 1 64 ? 9.875   -5.596  -1.454  1.00   15.47 ? 64   TRP A CG  1 
ATOM   481 C  CD1 . TRP A 1 64 ? 10.893  -5.880  -0.588  1.00   15.51 ? 64   TRP A CD1 1 
ATOM   482 C  CD2 . TRP A 1 64 ? 10.178  -4.315  -2.018  1.00   15.11 ? 64   TRP A CD2 1 
ATOM   483 N  NE1 . TRP A 1 64 ? 11.814  -4.860  -0.583  1.00   16.67 ? 64   TRP A NE1 1 
ATOM   484 C  CE2 . TRP A 1 64 ? 11.398  -3.886  -1.453  1.00   16.56 ? 64   TRP A CE2 1 
ATOM   485 C  CE3 . TRP A 1 64 ? 9.537   -3.489  -2.953  1.00   16.17 ? 64   TRP A CE3 1 
ATOM   486 C  CZ2 . TRP A 1 64 ? 11.994  -2.666  -1.793  1.00   14.95 ? 64   TRP A CZ2 1 
ATOM   487 C  CZ3 . TRP A 1 64 ? 10.129  -2.280  -3.290  1.00   14.97 ? 64   TRP A CZ3 1 
ATOM   488 C  CH2 . TRP A 1 64 ? 11.345  -1.881  -2.712  1.00   14.68 ? 64   TRP A CH2 1 
ATOM   489 N  N   . LYS A 1 65 ? 7.469   -9.882  -1.810  1.00   18.63 ? 65   LYS A N   1 
ATOM   490 C  CA  . LYS A 1 65 ? 6.218   -10.650 -1.801  1.00   20.04 ? 65   LYS A CA  1 
ATOM   491 C  C   . LYS A 1 65 ? 5.587   -10.756 -0.420  1.00   17.33 ? 65   LYS A C   1 
ATOM   492 O  O   . LYS A 1 65 ? 4.364   -10.813 -0.298  1.00   18.16 ? 65   LYS A O   1 
ATOM   493 C  CB  . LYS A 1 65 ? 6.439   -12.055 -2.360  1.00   23.52 ? 65   LYS A CB  1 
ATOM   494 C  CG  . LYS A 1 65 ? 6.970   -12.075 -3.789  1.00   33.19 ? 65   LYS A CG  1 
ATOM   495 C  CD  . LYS A 1 65 ? 5.882   -11.911 -4.834  1.00   35.36 ? 65   LYS A CD  1 
ATOM   496 C  CE  . LYS A 1 65 ? 5.167   -13.232 -5.062  1.00   38.25 ? 65   LYS A CE  1 
ATOM   497 N  NZ  . LYS A 1 65 ? 4.184   -13.195 -6.183  1.00   40.85 ? 65   LYS A NZ  1 
ATOM   498 N  N   . SER A 1 66 ? 6.415   -10.767 0.617   1.00   16.49 ? 66   SER A N   1 
ATOM   499 C  CA  . SER A 1 66 ? 5.927   -10.869 1.989   1.00   16.50 ? 66   SER A CA  1 
ATOM   500 C  C   . SER A 1 66 ? 5.014   -9.704  2.387   1.00   16.10 ? 66   SER A C   1 
ATOM   501 O  O   . SER A 1 66 ? 4.206   -9.829  3.312   1.00   16.43 ? 66   SER A O   1 
ATOM   502 C  CB  . SER A 1 66 ? 7.099   -10.954 2.968   1.00   17.90 ? 66   SER A CB  1 
ATOM   503 O  OG  . SER A 1 66 ? 7.854   -9.755  2.969   1.00   21.39 ? 66   SER A OG  1 
ATOM   504 N  N   . TYR A 1 67 ? 5.142   -8.572  1.698   1.00   13.56 ? 67   TYR A N   1 
ATOM   505 C  CA  . TYR A 1 67 ? 4.317   -7.415  2.009   1.00   13.14 ? 67   TYR A CA  1 
ATOM   506 C  C   . TYR A 1 67 ? 2.851   -7.587  1.630   1.00   14.17 ? 67   TYR A C   1 
ATOM   507 O  O   . TYR A 1 67 ? 1.982   -6.897  2.167   1.00   14.84 ? 67   TYR A O   1 
ATOM   508 C  CB  . TYR A 1 67 ? 4.918   -6.145  1.412   1.00   12.64 ? 67   TYR A CB  1 
ATOM   509 C  CG  . TYR A 1 67 ? 6.124   -5.688  2.199   1.00   12.67 ? 67   TYR A CG  1 
ATOM   510 C  CD1 . TYR A 1 67 ? 7.403   -6.136  1.873   1.00   14.41 ? 67   TYR A CD1 1 
ATOM   511 C  CD2 . TYR A 1 67 ? 5.978   -4.863  3.318   1.00   12.37 ? 67   TYR A CD2 1 
ATOM   512 C  CE1 . TYR A 1 67 ? 8.504   -5.782  2.643   1.00   14.85 ? 67   TYR A CE1 1 
ATOM   513 C  CE2 . TYR A 1 67 ? 7.073   -4.506  4.097   1.00   12.55 ? 67   TYR A CE2 1 
ATOM   514 C  CZ  . TYR A 1 67 ? 8.331   -4.970  3.754   1.00   14.70 ? 67   TYR A CZ  1 
ATOM   515 O  OH  . TYR A 1 67 ? 9.419   -4.649  4.526   1.00   17.35 ? 67   TYR A OH  1 
ATOM   516 N  N   . ILE A 1 68 ? 2.563   -8.541  0.752   1.00   14.13 ? 68   ILE A N   1 
ATOM   517 C  CA  . ILE A 1 68 ? 1.181   -8.802  0.366   1.00   14.04 ? 68   ILE A CA  1 
ATOM   518 C  C   . ILE A 1 68 ? 0.439   -9.298  1.617   1.00   15.50 ? 68   ILE A C   1 
ATOM   519 O  O   . ILE A 1 68 ? -0.600  -8.740  2.006   1.00   14.35 ? 68   ILE A O   1 
ATOM   520 C  CB  . ILE A 1 68 ? 1.094   -9.864  -0.755  1.00   12.72 ? 68   ILE A CB  1 
ATOM   521 C  CG1 . ILE A 1 68 ? 1.739   -9.330  -2.039  1.00   13.61 ? 68   ILE A CG1 1 
ATOM   522 C  CG2 . ILE A 1 68 ? -0.360  -10.260 -0.996  1.00   12.93 ? 68   ILE A CG2 1 
ATOM   523 C  CD1 . ILE A 1 68 ? 1.952   -10.387 -3.120  1.00   13.70 ? 68   ILE A CD1 1 
ATOM   524 N  N   . GLU A 1 69 ? 1.004   -10.307 2.278   1.00   16.03 ? 69   GLU A N   1 
ATOM   525 C  CA  . GLU A 1 69 ? 0.392   -10.855 3.481   1.00   17.32 ? 69   GLU A CA  1 
ATOM   526 C  C   . GLU A 1 69 ? 0.428   -9.858  4.638   1.00   16.44 ? 69   GLU A C   1 
ATOM   527 O  O   . GLU A 1 69 ? -0.497  -9.818  5.449   1.00   16.67 ? 69   GLU A O   1 
ATOM   528 C  CB  . GLU A 1 69 ? 1.048   -12.180 3.880   1.00   18.63 ? 69   GLU A CB  1 
ATOM   529 C  CG  . GLU A 1 69 ? 0.378   -12.889 5.069   1.00   22.84 ? 69   GLU A CG  1 
ATOM   530 C  CD  . GLU A 1 69 ? -1.126  -13.139 4.884   1.00   26.51 ? 69   GLU A CD  1 
ATOM   531 O  OE1 . GLU A 1 69 ? -1.592  -13.295 3.736   1.00   26.98 ? 69   GLU A OE1 1 
ATOM   532 O  OE2 . GLU A 1 69 ? -1.849  -13.193 5.906   1.00   27.93 ? 69   GLU A OE2 1 
ATOM   533 N  N   . LYS A 1 70 ? 1.482   -9.046  4.710   1.00   14.97 ? 70   LYS A N   1 
ATOM   534 C  CA  . LYS A 1 70 ? 1.586   -8.039  5.766   1.00   14.35 ? 70   LYS A CA  1 
ATOM   535 C  C   . LYS A 1 70 ? 0.417   -7.055  5.686   1.00   14.41 ? 70   LYS A C   1 
ATOM   536 O  O   . LYS A 1 70 ? -0.210  -6.750  6.697   1.00   15.32 ? 70   LYS A O   1 
ATOM   537 C  CB  . LYS A 1 70 ? 2.915   -7.281  5.681   1.00   14.18 ? 70   LYS A CB  1 
ATOM   538 C  CG  . LYS A 1 70 ? 3.131   -6.344  6.856   1.00   15.03 ? 70   LYS A CG  1 
ATOM   539 C  CD  . LYS A 1 70 ? 4.446   -5.603  6.770   1.00   14.92 ? 70   LYS A CD  1 
ATOM   540 C  CE  . LYS A 1 70 ? 4.615   -4.688  7.978   1.00   16.75 ? 70   LYS A CE  1 
ATOM   541 N  NZ  . LYS A 1 70 ? 5.873   -3.897  7.927   1.00   16.69 ? 70   LYS A NZ  1 
ATOM   542 N  N   . ASN A 1 71 ? 0.132   -6.560  4.481   1.00   13.93 ? 71   ASN A N   1 
ATOM   543 C  CA  . ASN A 1 71 ? -0.981  -5.634  4.277   1.00   12.90 ? 71   ASN A CA  1 
ATOM   544 C  C   . ASN A 1 71 ? -2.278  -6.339  4.668   1.00   13.39 ? 71   ASN A C   1 
ATOM   545 O  O   . ASN A 1 71 ? -3.154  -5.739  5.286   1.00   13.73 ? 71   ASN A O   1 
ATOM   546 C  CB  . ASN A 1 71 ? -1.051  -5.177  2.817   1.00   11.98 ? 71   ASN A CB  1 
ATOM   547 C  CG  . ASN A 1 71 ? -0.096  -4.035  2.507   1.00   13.71 ? 71   ASN A CG  1 
ATOM   548 O  OD1 . ASN A 1 71 ? -0.518  -2.960  2.074   1.00   13.18 ? 71   ASN A OD1 1 
ATOM   549 N  ND2 . ASN A 1 71 ? 1.195   -4.265  2.700   1.00   11.64 ? 71   ASN A ND2 1 
ATOM   550 N  N   . ARG A 1 72 ? -2.393  -7.618  4.312   1.00   13.95 ? 72   ARG A N   1 
ATOM   551 C  CA  . ARG A 1 72 ? -3.581  -8.400  4.661   1.00   15.06 ? 72   ARG A CA  1 
ATOM   552 C  C   . ARG A 1 72 ? -3.740  -8.524  6.177   1.00   14.91 ? 72   ARG A C   1 
ATOM   553 O  O   . ARG A 1 72 ? -4.832  -8.318  6.706   1.00   18.39 ? 72   ARG A O   1 
ATOM   554 C  CB  . ARG A 1 72 ? -3.535  -9.799  4.022   1.00   13.85 ? 72   ARG A CB  1 
ATOM   555 C  CG  . ARG A 1 72 ? -3.843  -9.816  2.524   1.00   15.89 ? 72   ARG A CG  1 
ATOM   556 C  CD  . ARG A 1 72 ? -3.725  -11.216 1.917   1.00   16.32 ? 72   ARG A CD  1 
ATOM   557 N  NE  . ARG A 1 72 ? -4.564  -12.185 2.622   1.00   16.89 ? 72   ARG A NE  1 
ATOM   558 C  CZ  . ARG A 1 72 ? -5.855  -12.394 2.372   1.00   14.93 ? 72   ARG A CZ  1 
ATOM   559 N  NH1 . ARG A 1 72 ? -6.474  -11.715 1.417   1.00   14.68 ? 72   ARG A NH1 1 
ATOM   560 N  NH2 . ARG A 1 72 ? -6.543  -13.248 3.122   1.00   17.81 ? 72   ARG A NH2 1 
ATOM   561 N  N   . LYS A 1 73 ? -2.658  -8.847  6.878   1.00   13.30 ? 73   LYS A N   1 
ATOM   562 C  CA  . LYS A 1 73 ? -2.713  -8.994  8.330   1.00   17.35 ? 73   LYS A CA  1 
ATOM   563 C  C   . LYS A 1 73 ? -3.042  -7.675  9.008   1.00   19.36 ? 73   LYS A C   1 
ATOM   564 O  O   . LYS A 1 73 ? -3.793  -7.645  9.980   1.00   20.23 ? 73   LYS A O   1 
ATOM   565 C  CB  . LYS A 1 73 ? -1.400  -9.551  8.888   1.00   20.56 ? 73   LYS A CB  1 
ATOM   566 C  CG  . LYS A 1 73 ? -1.239  -11.067 8.750   1.00   24.37 ? 73   LYS A CG  1 
ATOM   567 C  CD  . LYS A 1 73 ? 0.117   -11.509 9.297   1.00   26.95 ? 73   LYS A CD  1 
ATOM   568 C  CE  . LYS A 1 73 ? 0.362   -12.996 9.121   0.0000 26.07 ? 73   LYS A CE  1 
ATOM   569 N  NZ  . LYS A 1 73 ? 1.739   -13.353 9.571   0.0000 26.21 ? 73   LYS A NZ  1 
ATOM   570 N  N   . LEU A 1 74 ? -2.460  -6.590  8.512   1.00   18.41 ? 74   LEU A N   1 
ATOM   571 C  CA  . LEU A 1 74 ? -2.724  -5.275  9.069   1.00   17.12 ? 74   LEU A CA  1 
ATOM   572 C  C   . LEU A 1 74 ? -4.200  -4.932  8.876   1.00   18.21 ? 74   LEU A C   1 
ATOM   573 O  O   . LEU A 1 74 ? -4.814  -4.285  9.728   1.00   19.75 ? 74   LEU A O   1 
ATOM   574 C  CB  . LEU A 1 74 ? -1.818  -4.220  8.422   1.00   15.68 ? 74   LEU A CB  1 
ATOM   575 C  CG  . LEU A 1 74 ? -0.330  -4.285  8.793   1.00   16.55 ? 74   LEU A CG  1 
ATOM   576 C  CD1 . LEU A 1 74 ? 0.461   -3.266  7.999   1.00   17.03 ? 74   LEU A CD1 1 
ATOM   577 C  CD2 . LEU A 1 74 ? -0.139  -4.044  10.274  1.00   18.35 ? 74   LEU A CD2 1 
ATOM   578 N  N   . ALA A 1 75 ? -4.776  -5.373  7.760   1.00   17.54 ? 75   ALA A N   1 
ATOM   579 C  CA  . ALA A 1 75 ? -6.188  -5.128  7.477   1.00   18.58 ? 75   ALA A CA  1 
ATOM   580 C  C   . ALA A 1 75 ? -7.092  -6.025  8.334   1.00   21.47 ? 75   ALA A C   1 
ATOM   581 O  O   . ALA A 1 75 ? -8.313  -5.869  8.327   1.00   22.70 ? 75   ALA A O   1 
ATOM   582 C  CB  . ALA A 1 75 ? -6.476  -5.342  6.003   1.00   16.18 ? 75   ALA A CB  1 
ATOM   583 N  N   . GLY A 1 76 ? -6.478  -6.957  9.060   1.00   23.32 ? 76   GLY A N   1 
ATOM   584 C  CA  . GLY A 1 76 ? -7.210  -7.867  9.924   1.00   24.64 ? 76   GLY A CA  1 
ATOM   585 C  C   . GLY A 1 76 ? -7.775  -9.075  9.210   1.00   27.88 ? 76   GLY A C   1 
ATOM   586 O  O   . GLY A 1 76 ? -8.721  -9.697  9.699   1.00   30.02 ? 76   GLY A O   1 
ATOM   587 N  N   . LEU A 1 77 ? -7.216  -9.401  8.049   1.00   28.91 ? 77   LEU A N   1 
ATOM   588 C  CA  . LEU A 1 77 ? -7.678  -10.547 7.262   1.00   30.55 ? 77   LEU A CA  1 
ATOM   589 C  C   . LEU A 1 77 ? -6.836  -11.797 7.546   1.00   33.81 ? 77   LEU A C   1 
ATOM   590 O  O   . LEU A 1 77 ? -5.890  -11.709 8.361   1.00   33.91 ? 77   LEU A O   1 
ATOM   591 C  CB  . LEU A 1 77 ? -7.616  -10.214 5.767   1.00   28.44 ? 77   LEU A CB  1 
ATOM   592 C  CG  . LEU A 1 77 ? -8.392  -8.995  5.256   1.00   27.95 ? 77   LEU A CG  1 
ATOM   593 C  CD1 . LEU A 1 77 ? -8.079  -8.776  3.787   1.00   27.34 ? 77   LEU A CD1 1 
ATOM   594 C  CD2 . LEU A 1 77 ? -9.889  -9.177  5.460   1.00   28.63 ? 77   LEU A CD2 1 
ATOM   595 O  OXT . LEU A 1 77 ? -7.108  -12.847 6.922   1.00   37.91 ? 77   LEU A OXT 1 
HETATM 596 FE FE1 . SF4 B 2 .  ? -6.482  1.025   -4.325  1.00   16.83 ? 107  SF4 A FE1 1 
HETATM 597 FE FE2 . SF4 B 2 .  ? -6.860  3.605   -3.365  1.00   17.29 ? 107  SF4 A FE2 1 
HETATM 598 FE FE3 . SF4 B 2 .  ? -4.494  2.929   -4.627  1.00   16.15 ? 107  SF4 A FE3 1 
HETATM 599 FE FE4 . SF4 B 2 .  ? -6.845  3.168   -6.053  1.00   23.94 ? 107  SF4 A FE4 1 
HETATM 600 S  S1  . SF4 B 2 .  ? -5.727  4.871   -4.939  1.00   22.27 ? 107  SF4 A S1  1 
HETATM 601 S  S2  . SF4 B 2 .  ? -5.232  1.437   -6.228  1.00   22.42 ? 107  SF4 A S2  1 
HETATM 602 S  S3  . SF4 B 2 .  ? -8.386  2.334   -4.563  1.00   22.33 ? 107  SF4 A S3  1 
HETATM 603 S  S4  . SF4 B 2 .  ? -5.298  2.055   -2.611  1.00   21.08 ? 107  SF4 A S4  1 
HETATM 604 FE FE1 . F3S C 3 .  ? 1.872   6.395   1.184   1.00   15.57 ? 108  F3S A FE1 1 
HETATM 605 FE FE3 . F3S C 3 .  ? 3.935   5.178   2.630   1.00   14.65 ? 108  F3S A FE3 1 
HETATM 606 FE FE4 . F3S C 3 .  ? 4.404   6.280   0.132   1.00   16.02 ? 108  F3S A FE4 1 
HETATM 607 S  S1  . F3S C 3 .  ? 2.280   6.549   3.457   1.00   20.88 ? 108  F3S A S1  1 
HETATM 608 S  S2  . F3S C 3 .  ? 2.960   8.087   0.089   1.00   22.18 ? 108  F3S A S2  1 
HETATM 609 S  S3  . F3S C 3 .  ? 3.016   4.459   0.592   1.00   20.81 ? 108  F3S A S3  1 
HETATM 610 S  S4  . F3S C 3 .  ? 5.726   6.473   2.003   1.00   21.17 ? 108  F3S A S4  1 
HETATM 611 O  O   . HOH D 4 .  ? -1.739  0.437   -11.111 1.00   20.43 ? 2001 HOH A O   1 
HETATM 612 O  O   . HOH D 4 .  ? 15.079  0.969   3.284   1.00   53.58 ? 2002 HOH A O   1 
HETATM 613 O  O   . HOH D 4 .  ? 12.399  -7.562  3.615   1.00   45.68 ? 2003 HOH A O   1 
HETATM 614 O  O   . HOH D 4 .  ? 12.318  4.447   1.964   1.00   25.61 ? 2004 HOH A O   1 
HETATM 615 O  O   . HOH D 4 .  ? -4.748  11.357  -8.807  1.00   45.45 ? 2005 HOH A O   1 
HETATM 616 O  O   . HOH D 4 .  ? 12.481  1.134   4.542   1.00   28.85 ? 2006 HOH A O   1 
HETATM 617 O  O   . HOH D 4 .  ? 13.266  4.283   5.444   1.00   44.19 ? 2007 HOH A O   1 
HETATM 618 O  O   . HOH D 4 .  ? 8.037   3.910   10.095  1.00   30.52 ? 2008 HOH A O   1 
HETATM 619 O  O   . HOH D 4 .  ? 8.109   12.099  5.214   1.00   47.84 ? 2009 HOH A O   1 
HETATM 620 O  O   . HOH D 4 .  ? 5.254   10.981  8.453   1.00   39.97 ? 2010 HOH A O   1 
HETATM 621 O  O   . HOH D 4 .  ? -0.862  13.503  -3.109  1.00   35.61 ? 2011 HOH A O   1 
HETATM 622 O  O   . HOH D 4 .  ? -7.143  10.423  -7.606  1.00   46.20 ? 2012 HOH A O   1 
HETATM 623 O  O   . HOH D 4 .  ? -15.763 7.401   -1.754  1.00   34.67 ? 2013 HOH A O   1 
HETATM 624 O  O   . HOH D 4 .  ? -15.455 6.089   0.632   1.00   47.85 ? 2014 HOH A O   1 
HETATM 625 O  O   . HOH D 4 .  ? -9.753  5.957   5.688   1.00   28.46 ? 2015 HOH A O   1 
HETATM 626 O  O   . HOH D 4 .  ? -14.786 6.228   3.770   1.00   34.32 ? 2016 HOH A O   1 
HETATM 627 O  O   . HOH D 4 .  ? -6.004  6.786   6.747   1.00   19.64 ? 2017 HOH A O   1 
HETATM 628 O  O   . HOH D 4 .  ? -7.210  6.357   2.861   1.00   23.29 ? 2018 HOH A O   1 
HETATM 629 O  O   . HOH D 4 .  ? -12.720 4.172   4.694   1.00   35.09 ? 2019 HOH A O   1 
HETATM 630 O  O   . HOH D 4 .  ? 0.188   4.259   14.483  1.00   50.39 ? 2020 HOH A O   1 
HETATM 631 O  O   . HOH D 4 .  ? -2.018  1.657   13.741  1.00   33.42 ? 2021 HOH A O   1 
HETATM 632 O  O   . HOH D 4 .  ? -5.136  1.307   12.035  1.00   37.81 ? 2022 HOH A O   1 
HETATM 633 O  O   . HOH D 4 .  ? -1.670  8.460   11.278  1.00   27.24 ? 2023 HOH A O   1 
HETATM 634 O  O   . HOH D 4 .  ? 9.213   -4.467  9.846   1.00   40.88 ? 2024 HOH A O   1 
HETATM 635 O  O   . HOH D 4 .  ? -3.169  -4.768  0.087   1.00   14.58 ? 2025 HOH A O   1 
HETATM 636 O  O   . HOH D 4 .  ? -14.596 -1.097  -2.071  1.00   39.29 ? 2026 HOH A O   1 
HETATM 637 O  O   . HOH D 4 .  ? -10.238 -0.363  -11.423 1.00   40.12 ? 2027 HOH A O   1 
HETATM 638 O  O   . HOH D 4 .  ? -2.276  10.444  -8.163  1.00   22.72 ? 2028 HOH A O   1 
HETATM 639 O  O   . HOH D 4 .  ? 4.695   3.838   -5.838  1.00   13.78 ? 2029 HOH A O   1 
HETATM 640 O  O   . HOH D 4 .  ? 5.827   6.087   -7.609  1.00   41.53 ? 2030 HOH A O   1 
HETATM 641 O  O   . HOH D 4 .  ? 4.227   13.171  -3.897  1.00   45.60 ? 2031 HOH A O   1 
HETATM 642 O  O   . HOH D 4 .  ? 12.539  7.486   -4.408  1.00   33.66 ? 2032 HOH A O   1 
HETATM 643 O  O   . HOH D 4 .  ? 6.772   3.726   -9.247  1.00   41.95 ? 2033 HOH A O   1 
HETATM 644 O  O   . HOH D 4 .  ? 12.569  8.029   -6.920  1.00   29.66 ? 2034 HOH A O   1 
HETATM 645 O  O   . HOH D 4 .  ? 5.981   1.715   -7.659  1.00   33.88 ? 2035 HOH A O   1 
HETATM 646 O  O   . HOH D 4 .  ? 8.553   0.263   -9.857  1.00   42.29 ? 2036 HOH A O   1 
HETATM 647 O  O   . HOH D 4 .  ? 10.416  0.429   -5.444  1.00   26.57 ? 2037 HOH A O   1 
HETATM 648 O  O   . HOH D 4 .  ? -4.040  -8.296  -1.477  1.00   30.34 ? 2038 HOH A O   1 
HETATM 649 O  O   . HOH D 4 .  ? -3.972  -11.912 -2.322  1.00   14.64 ? 2039 HOH A O   1 
HETATM 650 O  O   . HOH D 4 .  ? -0.913  -4.818  -13.395 1.00   42.46 ? 2040 HOH A O   1 
HETATM 651 O  O   . HOH D 4 .  ? -4.635  -7.746  -7.710  1.00   31.42 ? 2041 HOH A O   1 
HETATM 652 O  O   . HOH D 4 .  ? -3.924  -4.570  -9.372  1.00   35.62 ? 2042 HOH A O   1 
HETATM 653 O  O   . HOH D 4 .  ? 7.228   -4.538  -11.011 1.00   39.03 ? 2043 HOH A O   1 
HETATM 654 O  O   . HOH D 4 .  ? 10.817  -9.610  -9.007  1.00   43.03 ? 2044 HOH A O   1 
HETATM 655 O  O   . HOH D 4 .  ? 12.730  -7.839  -8.383  1.00   27.86 ? 2045 HOH A O   1 
HETATM 656 O  O   . HOH D 4 .  ? 15.165  -9.733  -8.982  1.00   44.64 ? 2046 HOH A O   1 
HETATM 657 O  O   . HOH D 4 .  ? 2.781   -12.646 1.140   1.00   20.08 ? 2047 HOH A O   1 
HETATM 658 O  O   . HOH D 4 .  ? 1.702   -13.855 -7.910  1.00   38.34 ? 2048 HOH A O   1 
HETATM 659 O  O   . HOH D 4 .  ? 2.594   -11.281 -7.355  1.00   47.99 ? 2049 HOH A O   1 
HETATM 660 O  O   . HOH D 4 .  ? 6.967   -8.064  5.024   1.00   31.02 ? 2050 HOH A O   1 
HETATM 661 O  O   . HOH D 4 .  ? 10.352  -9.212  2.039   1.00   43.14 ? 2051 HOH A O   1 
HETATM 662 O  O   . HOH D 4 .  ? 9.191   -11.378 0.521   1.00   37.06 ? 2052 HOH A O   1 
HETATM 663 O  O   . HOH D 4 .  ? 8.438   -5.305  7.227   1.00   28.24 ? 2053 HOH A O   1 
HETATM 664 O  O   . HOH D 4 .  ? -2.323  -7.398  0.247   1.00   26.33 ? 2054 HOH A O   1 
HETATM 665 O  O   . HOH D 4 .  ? -0.930  -13.626 1.144   1.00   34.80 ? 2055 HOH A O   1 
HETATM 666 O  O   . HOH D 4 .  ? -5.650  -10.245 -0.685  1.00   20.85 ? 2056 HOH A O   1 
HETATM 667 O  O   . HOH D 4 .  ? -4.826  -13.795 5.884   1.00   30.96 ? 2057 HOH A O   1 
HETATM 668 O  O   . HOH D 4 .  ? -4.663  -12.537 10.490  1.00   39.95 ? 2058 HOH A O   1 
# 
loop_
_pdbx_poly_seq_scheme.asym_id 
_pdbx_poly_seq_scheme.entity_id 
_pdbx_poly_seq_scheme.seq_id 
_pdbx_poly_seq_scheme.mon_id 
_pdbx_poly_seq_scheme.ndb_seq_num 
_pdbx_poly_seq_scheme.pdb_seq_num 
_pdbx_poly_seq_scheme.auth_seq_num 
_pdbx_poly_seq_scheme.pdb_mon_id 
_pdbx_poly_seq_scheme.auth_mon_id 
_pdbx_poly_seq_scheme.pdb_strand_id 
_pdbx_poly_seq_scheme.pdb_ins_code 
_pdbx_poly_seq_scheme.hetero 
A 1 1  PRO 1  1  1  PRO PRO A . n 
A 1 2  HIS 2  2  2  HIS HIS A . n 
A 1 3  VAL 3  3  3  VAL VAL A . n 
A 1 4  ILE 4  4  4  ILE ILE A . n 
A 1 5  CYS 5  5  5  CYS CYS A . n 
A 1 6  GLU 6  6  6  GLU GLU A . n 
A 1 7  PRO 7  7  7  PRO PRO A . n 
A 1 8  CYS 8  8  8  CYS CYS A . n 
A 1 9  ILE 9  9  9  ILE ILE A . n 
A 1 10 GLY 10 10 10 GLY GLY A . n 
A 1 11 VAL 11 11 11 VAL VAL A . n 
A 1 12 LYS 12 12 12 LYS LYS A . n 
A 1 13 ASP 13 13 13 ASP ASP A . n 
A 1 14 GLN 14 14 14 GLN GLN A . n 
A 1 15 SER 15 15 15 SER SER A . n 
A 1 16 CYS 16 16 16 CYS CYS A . n 
A 1 17 VAL 17 17 17 VAL VAL A . n 
A 1 18 GLU 18 18 18 GLU GLU A . n 
A 1 19 VAL 19 19 19 VAL VAL A . n 
A 1 20 CYS 20 20 20 CYS CYS A . n 
A 1 21 PRO 21 21 21 PRO PRO A . n 
A 1 22 VAL 22 22 22 VAL VAL A . n 
A 1 23 GLU 23 23 23 GLU GLU A . n 
A 1 24 CYS 24 24 24 CYS CYS A . n 
A 1 25 ILE 25 25 25 ILE ILE A . n 
A 1 26 TYR 26 26 26 TYR TYR A . n 
A 1 27 ASP 27 27 27 ASP ASP A . n 
A 1 28 GLY 28 28 28 GLY GLY A . n 
A 1 29 GLY 29 29 29 GLY GLY A . n 
A 1 30 ASP 30 30 30 ASP ASP A . n 
A 1 31 GLN 31 31 31 GLN GLN A . n 
A 1 32 PHE 32 32 32 PHE PHE A . n 
A 1 33 TYR 33 33 33 TYR TYR A . n 
A 1 34 ILE 34 34 34 ILE ILE A . n 
A 1 35 HIS 35 35 35 HIS HIS A . n 
A 1 36 PRO 36 36 36 PRO PRO A . n 
A 1 37 GLU 37 37 37 GLU GLU A . n 
A 1 38 GLU 38 38 38 GLU GLU A . n 
A 1 39 CYS 39 39 39 CYS CYS A . n 
A 1 40 ILE 40 40 40 ILE ILE A . n 
A 1 41 ASP 41 41 41 ASP ASP A . n 
A 1 42 CYS 42 42 42 CYS CYS A . n 
A 1 43 GLY 43 43 43 GLY GLY A . n 
A 1 44 ALA 44 44 44 ALA ALA A . n 
A 1 45 CYS 45 45 45 CYS CYS A . n 
A 1 46 VAL 46 46 46 VAL VAL A . n 
A 1 47 PRO 47 47 47 PRO PRO A . n 
A 1 48 ALA 48 48 48 ALA ALA A . n 
A 1 49 CYS 49 49 49 CYS CYS A . n 
A 1 50 PRO 50 50 50 PRO PRO A . n 
A 1 51 VAL 51 51 51 VAL VAL A . n 
A 1 52 ASN 52 52 52 ASN ASN A . n 
A 1 53 ALA 53 53 53 ALA ALA A . n 
A 1 54 ILE 54 54 54 ILE ILE A . n 
A 1 55 TYR 55 55 55 TYR TYR A . n 
A 1 56 PRO 56 56 56 PRO PRO A . n 
A 1 57 GLU 57 57 57 GLU GLU A . n 
A 1 58 GLU 58 58 58 GLU GLU A . n 
A 1 59 ASP 59 59 59 ASP ASP A . n 
A 1 60 VAL 60 60 60 VAL VAL A . n 
A 1 61 PRO 61 61 61 PRO PRO A . n 
A 1 62 GLU 62 62 62 GLU GLU A . n 
A 1 63 GLN 63 63 63 GLN GLN A . n 
A 1 64 TRP 64 64 64 TRP TRP A . n 
A 1 65 LYS 65 65 65 LYS LYS A . n 
A 1 66 SER 66 66 66 SER SER A . n 
A 1 67 TYR 67 67 67 TYR TYR A . n 
A 1 68 ILE 68 68 68 ILE ILE A . n 
A 1 69 GLU 69 69 69 GLU GLU A . n 
A 1 70 LYS 70 70 70 LYS LYS A . n 
A 1 71 ASN 71 71 71 ASN ASN A . n 
A 1 72 ARG 72 72 72 ARG ARG A . n 
A 1 73 LYS 73 73 73 LYS LYS A . n 
A 1 74 LEU 74 74 74 LEU LEU A . n 
A 1 75 ALA 75 75 75 ALA ALA A . n 
A 1 76 GLY 76 76 76 GLY GLY A . n 
A 1 77 LEU 77 77 77 LEU LEU A . n 
A 1 78 GLU 78 78 ?  ?   ?   A . n 
# 
loop_
_pdbx_nonpoly_scheme.asym_id 
_pdbx_nonpoly_scheme.entity_id 
_pdbx_nonpoly_scheme.mon_id 
_pdbx_nonpoly_scheme.ndb_seq_num 
_pdbx_nonpoly_scheme.pdb_seq_num 
_pdbx_nonpoly_scheme.auth_seq_num 
_pdbx_nonpoly_scheme.pdb_mon_id 
_pdbx_nonpoly_scheme.auth_mon_id 
_pdbx_nonpoly_scheme.pdb_strand_id 
_pdbx_nonpoly_scheme.pdb_ins_code 
B 2 SF4 1  107  107  SF4 SF4 A . 
C 3 F3S 1  108  108  F3S F3S A . 
D 4 HOH 1  2001 2001 HOH HOH A . 
D 4 HOH 2  2002 2002 HOH HOH A . 
D 4 HOH 3  2003 2003 HOH HOH A . 
D 4 HOH 4  2004 2004 HOH HOH A . 
D 4 HOH 5  2005 2005 HOH HOH A . 
D 4 HOH 6  2006 2006 HOH HOH A . 
D 4 HOH 7  2007 2007 HOH HOH A . 
D 4 HOH 8  2008 2008 HOH HOH A . 
D 4 HOH 9  2009 2009 HOH HOH A . 
D 4 HOH 10 2010 2010 HOH HOH A . 
D 4 HOH 11 2011 2011 HOH HOH A . 
D 4 HOH 12 2012 2012 HOH HOH A . 
D 4 HOH 13 2013 2013 HOH HOH A . 
D 4 HOH 14 2014 2014 HOH HOH A . 
D 4 HOH 15 2015 2015 HOH HOH A . 
D 4 HOH 16 2016 2016 HOH HOH A . 
D 4 HOH 17 2017 2017 HOH HOH A . 
D 4 HOH 18 2018 2018 HOH HOH A . 
D 4 HOH 19 2019 2019 HOH HOH A . 
D 4 HOH 20 2020 2020 HOH HOH A . 
D 4 HOH 21 2021 2021 HOH HOH A . 
D 4 HOH 22 2022 2022 HOH HOH A . 
D 4 HOH 23 2023 2023 HOH HOH A . 
D 4 HOH 24 2024 2024 HOH HOH A . 
D 4 HOH 25 2025 2025 HOH HOH A . 
D 4 HOH 26 2026 2026 HOH HOH A . 
D 4 HOH 27 2027 2027 HOH HOH A . 
D 4 HOH 28 2028 2028 HOH HOH A . 
D 4 HOH 29 2029 2029 HOH HOH A . 
D 4 HOH 30 2030 2030 HOH HOH A . 
D 4 HOH 31 2031 2031 HOH HOH A . 
D 4 HOH 32 2032 2032 HOH HOH A . 
D 4 HOH 33 2033 2033 HOH HOH A . 
D 4 HOH 34 2034 2034 HOH HOH A . 
D 4 HOH 35 2035 2035 HOH HOH A . 
D 4 HOH 36 2036 2036 HOH HOH A . 
D 4 HOH 37 2037 2037 HOH HOH A . 
D 4 HOH 38 2038 2038 HOH HOH A . 
D 4 HOH 39 2039 2039 HOH HOH A . 
D 4 HOH 40 2040 2040 HOH HOH A . 
D 4 HOH 41 2041 2041 HOH HOH A . 
D 4 HOH 42 2042 2042 HOH HOH A . 
D 4 HOH 43 2043 2043 HOH HOH A . 
D 4 HOH 44 2044 2044 HOH HOH A . 
D 4 HOH 45 2045 2045 HOH HOH A . 
D 4 HOH 46 2046 2046 HOH HOH A . 
D 4 HOH 47 2047 2047 HOH HOH A . 
D 4 HOH 48 2048 2048 HOH HOH A . 
D 4 HOH 49 2049 2049 HOH HOH A . 
D 4 HOH 50 2050 2050 HOH HOH A . 
D 4 HOH 51 2051 2051 HOH HOH A . 
D 4 HOH 52 2052 2052 HOH HOH A . 
D 4 HOH 53 2053 2053 HOH HOH A . 
D 4 HOH 54 2054 2054 HOH HOH A . 
D 4 HOH 55 2055 2055 HOH HOH A . 
D 4 HOH 56 2056 2056 HOH HOH A . 
D 4 HOH 57 2057 2057 HOH HOH A . 
D 4 HOH 58 2058 2058 HOH HOH A . 
# 
_pdbx_struct_assembly.id                   1 
_pdbx_struct_assembly.details              author_and_software_defined_assembly 
_pdbx_struct_assembly.method_details       PQS 
_pdbx_struct_assembly.oligomeric_details   monomeric 
_pdbx_struct_assembly.oligomeric_count     1 
# 
_pdbx_struct_assembly_gen.assembly_id       1 
_pdbx_struct_assembly_gen.oper_expression   1 
_pdbx_struct_assembly_gen.asym_id_list      A,B,C,D 
# 
_pdbx_struct_oper_list.id                   1 
_pdbx_struct_oper_list.type                 'identity operation' 
_pdbx_struct_oper_list.name                 1_555 
_pdbx_struct_oper_list.symmetry_operation   x,y,z 
_pdbx_struct_oper_list.matrix[1][1]         1.0000000000 
_pdbx_struct_oper_list.matrix[1][2]         0.0000000000 
_pdbx_struct_oper_list.matrix[1][3]         0.0000000000 
_pdbx_struct_oper_list.vector[1]            0.0000000000 
_pdbx_struct_oper_list.matrix[2][1]         0.0000000000 
_pdbx_struct_oper_list.matrix[2][2]         1.0000000000 
_pdbx_struct_oper_list.matrix[2][3]         0.0000000000 
_pdbx_struct_oper_list.vector[2]            0.0000000000 
_pdbx_struct_oper_list.matrix[3][1]         0.0000000000 
_pdbx_struct_oper_list.matrix[3][2]         0.0000000000 
_pdbx_struct_oper_list.matrix[3][3]         1.0000000000 
_pdbx_struct_oper_list.vector[3]            0.0000000000 
# 
loop_
_pdbx_struct_conn_angle.id 
_pdbx_struct_conn_angle.ptnr1_label_atom_id 
_pdbx_struct_conn_angle.ptnr1_label_alt_id 
_pdbx_struct_conn_angle.ptnr1_label_asym_id 
_pdbx_struct_conn_angle.ptnr1_label_comp_id 
_pdbx_struct_conn_angle.ptnr1_label_seq_id 
_pdbx_struct_conn_angle.ptnr1_auth_atom_id 
_pdbx_struct_conn_angle.ptnr1_auth_asym_id 
_pdbx_struct_conn_angle.ptnr1_auth_comp_id 
_pdbx_struct_conn_angle.ptnr1_auth_seq_id 
_pdbx_struct_conn_angle.ptnr1_PDB_ins_code 
_pdbx_struct_conn_angle.ptnr1_symmetry 
_pdbx_struct_conn_angle.ptnr2_label_atom_id 
_pdbx_struct_conn_angle.ptnr2_label_alt_id 
_pdbx_struct_conn_angle.ptnr2_label_asym_id 
_pdbx_struct_conn_angle.ptnr2_label_comp_id 
_pdbx_struct_conn_angle.ptnr2_label_seq_id 
_pdbx_struct_conn_angle.ptnr2_auth_atom_id 
_pdbx_struct_conn_angle.ptnr2_auth_asym_id 
_pdbx_struct_conn_angle.ptnr2_auth_comp_id 
_pdbx_struct_conn_angle.ptnr2_auth_seq_id 
_pdbx_struct_conn_angle.ptnr2_PDB_ins_code 
_pdbx_struct_conn_angle.ptnr2_symmetry 
_pdbx_struct_conn_angle.ptnr3_label_atom_id 
_pdbx_struct_conn_angle.ptnr3_label_alt_id 
_pdbx_struct_conn_angle.ptnr3_label_asym_id 
_pdbx_struct_conn_angle.ptnr3_label_comp_id 
_pdbx_struct_conn_angle.ptnr3_label_seq_id 
_pdbx_struct_conn_angle.ptnr3_auth_atom_id 
_pdbx_struct_conn_angle.ptnr3_auth_asym_id 
_pdbx_struct_conn_angle.ptnr3_auth_comp_id 
_pdbx_struct_conn_angle.ptnr3_auth_seq_id 
_pdbx_struct_conn_angle.ptnr3_PDB_ins_code 
_pdbx_struct_conn_angle.ptnr3_symmetry 
_pdbx_struct_conn_angle.value 
_pdbx_struct_conn_angle.value_esd 
1  SG ? A CYS 8  ? A CYS 8   ? 1_555 FE3 ? C F3S . ? A F3S 108 ? 1_555 S1 ? C F3S . ? A F3S 108 ? 1_555 110.2 ? 
2  SG ? A CYS 8  ? A CYS 8   ? 1_555 FE3 ? C F3S . ? A F3S 108 ? 1_555 S3 ? C F3S . ? A F3S 108 ? 1_555 117.7 ? 
3  S1 ? C F3S .  ? A F3S 108 ? 1_555 FE3 ? C F3S . ? A F3S 108 ? 1_555 S3 ? C F3S . ? A F3S 108 ? 1_555 102.3 ? 
4  SG ? A CYS 8  ? A CYS 8   ? 1_555 FE3 ? C F3S . ? A F3S 108 ? 1_555 S4 ? C F3S . ? A F3S 108 ? 1_555 113.1 ? 
5  S1 ? C F3S .  ? A F3S 108 ? 1_555 FE3 ? C F3S . ? A F3S 108 ? 1_555 S4 ? C F3S . ? A F3S 108 ? 1_555 108.8 ? 
6  S3 ? C F3S .  ? A F3S 108 ? 1_555 FE3 ? C F3S . ? A F3S 108 ? 1_555 S4 ? C F3S . ? A F3S 108 ? 1_555 103.9 ? 
7  SG ? A CYS 16 ? A CYS 16  ? 1_555 FE1 ? C F3S . ? A F3S 108 ? 1_555 S1 ? C F3S . ? A F3S 108 ? 1_555 110.8 ? 
8  SG ? A CYS 16 ? A CYS 16  ? 1_555 FE1 ? C F3S . ? A F3S 108 ? 1_555 S2 ? C F3S . ? A F3S 108 ? 1_555 110.5 ? 
9  S1 ? C F3S .  ? A F3S 108 ? 1_555 FE1 ? C F3S . ? A F3S 108 ? 1_555 S2 ? C F3S . ? A F3S 108 ? 1_555 109.7 ? 
10 SG ? A CYS 16 ? A CYS 16  ? 1_555 FE1 ? C F3S . ? A F3S 108 ? 1_555 S3 ? C F3S . ? A F3S 108 ? 1_555 117.7 ? 
11 S1 ? C F3S .  ? A F3S 108 ? 1_555 FE1 ? C F3S . ? A F3S 108 ? 1_555 S3 ? C F3S . ? A F3S 108 ? 1_555 102.6 ? 
12 S2 ? C F3S .  ? A F3S 108 ? 1_555 FE1 ? C F3S . ? A F3S 108 ? 1_555 S3 ? C F3S . ? A F3S 108 ? 1_555 105.0 ? 
13 SG ? A CYS 20 ? A CYS 20  ? 1_555 FE2 ? B SF4 . ? A SF4 107 ? 1_555 S1 ? B SF4 . ? A SF4 107 ? 1_555 111.2 ? 
14 SG ? A CYS 20 ? A CYS 20  ? 1_555 FE2 ? B SF4 . ? A SF4 107 ? 1_555 S3 ? B SF4 . ? A SF4 107 ? 1_555 113.0 ? 
15 S1 ? B SF4 .  ? A SF4 107 ? 1_555 FE2 ? B SF4 . ? A SF4 107 ? 1_555 S3 ? B SF4 . ? A SF4 107 ? 1_555 105.7 ? 
16 SG ? A CYS 20 ? A CYS 20  ? 1_555 FE2 ? B SF4 . ? A SF4 107 ? 1_555 S4 ? B SF4 . ? A SF4 107 ? 1_555 117.1 ? 
17 S1 ? B SF4 .  ? A SF4 107 ? 1_555 FE2 ? B SF4 . ? A SF4 107 ? 1_555 S4 ? B SF4 . ? A SF4 107 ? 1_555 104.8 ? 
18 S3 ? B SF4 .  ? A SF4 107 ? 1_555 FE2 ? B SF4 . ? A SF4 107 ? 1_555 S4 ? B SF4 . ? A SF4 107 ? 1_555 104.1 ? 
19 SG ? A CYS 39 ? A CYS 39  ? 1_555 FE1 ? B SF4 . ? A SF4 107 ? 1_555 S2 ? B SF4 . ? A SF4 107 ? 1_555 103.8 ? 
20 SG ? A CYS 39 ? A CYS 39  ? 1_555 FE1 ? B SF4 . ? A SF4 107 ? 1_555 S3 ? B SF4 . ? A SF4 107 ? 1_555 119.4 ? 
21 S2 ? B SF4 .  ? A SF4 107 ? 1_555 FE1 ? B SF4 . ? A SF4 107 ? 1_555 S3 ? B SF4 . ? A SF4 107 ? 1_555 105.0 ? 
22 SG ? A CYS 39 ? A CYS 39  ? 1_555 FE1 ? B SF4 . ? A SF4 107 ? 1_555 S4 ? B SF4 . ? A SF4 107 ? 1_555 118.3 ? 
23 S2 ? B SF4 .  ? A SF4 107 ? 1_555 FE1 ? B SF4 . ? A SF4 107 ? 1_555 S4 ? B SF4 . ? A SF4 107 ? 1_555 104.6 ? 
24 S3 ? B SF4 .  ? A SF4 107 ? 1_555 FE1 ? B SF4 . ? A SF4 107 ? 1_555 S4 ? B SF4 . ? A SF4 107 ? 1_555 104.1 ? 
25 SG ? A CYS 42 ? A CYS 42  ? 1_555 FE4 ? B SF4 . ? A SF4 107 ? 1_555 S1 ? B SF4 . ? A SF4 107 ? 1_555 98.2  ? 
26 SG ? A CYS 42 ? A CYS 42  ? 1_555 FE4 ? B SF4 . ? A SF4 107 ? 1_555 S2 ? B SF4 . ? A SF4 107 ? 1_555 124.3 ? 
27 S1 ? B SF4 .  ? A SF4 107 ? 1_555 FE4 ? B SF4 . ? A SF4 107 ? 1_555 S2 ? B SF4 . ? A SF4 107 ? 1_555 104.1 ? 
28 SG ? A CYS 42 ? A CYS 42  ? 1_555 FE4 ? B SF4 . ? A SF4 107 ? 1_555 S3 ? B SF4 . ? A SF4 107 ? 1_555 117.9 ? 
29 S1 ? B SF4 .  ? A SF4 107 ? 1_555 FE4 ? B SF4 . ? A SF4 107 ? 1_555 S3 ? B SF4 . ? A SF4 107 ? 1_555 106.1 ? 
30 S2 ? B SF4 .  ? A SF4 107 ? 1_555 FE4 ? B SF4 . ? A SF4 107 ? 1_555 S3 ? B SF4 . ? A SF4 107 ? 1_555 103.8 ? 
31 SG ? A CYS 45 ? A CYS 45  ? 1_555 FE3 ? B SF4 . ? A SF4 107 ? 1_555 S1 ? B SF4 . ? A SF4 107 ? 1_555 110.2 ? 
32 SG ? A CYS 45 ? A CYS 45  ? 1_555 FE3 ? B SF4 . ? A SF4 107 ? 1_555 S2 ? B SF4 . ? A SF4 107 ? 1_555 110.7 ? 
33 S1 ? B SF4 .  ? A SF4 107 ? 1_555 FE3 ? B SF4 . ? A SF4 107 ? 1_555 S2 ? B SF4 . ? A SF4 107 ? 1_555 106.1 ? 
34 SG ? A CYS 45 ? A CYS 45  ? 1_555 FE3 ? B SF4 . ? A SF4 107 ? 1_555 S4 ? B SF4 . ? A SF4 107 ? 1_555 120.3 ? 
35 S1 ? B SF4 .  ? A SF4 107 ? 1_555 FE3 ? B SF4 . ? A SF4 107 ? 1_555 S4 ? B SF4 . ? A SF4 107 ? 1_555 104.2 ? 
36 S2 ? B SF4 .  ? A SF4 107 ? 1_555 FE3 ? B SF4 . ? A SF4 107 ? 1_555 S4 ? B SF4 . ? A SF4 107 ? 1_555 104.2 ? 
37 SG ? A CYS 49 ? A CYS 49  ? 1_555 FE4 ? C F3S . ? A F3S 108 ? 1_555 S2 ? C F3S . ? A F3S 108 ? 1_555 113.7 ? 
38 SG ? A CYS 49 ? A CYS 49  ? 1_555 FE4 ? C F3S . ? A F3S 108 ? 1_555 S3 ? C F3S . ? A F3S 108 ? 1_555 109.8 ? 
39 S2 ? C F3S .  ? A F3S 108 ? 1_555 FE4 ? C F3S . ? A F3S 108 ? 1_555 S3 ? C F3S . ? A F3S 108 ? 1_555 104.0 ? 
40 SG ? A CYS 49 ? A CYS 49  ? 1_555 FE4 ? C F3S . ? A F3S 108 ? 1_555 S4 ? C F3S . ? A F3S 108 ? 1_555 116.1 ? 
41 S2 ? C F3S .  ? A F3S 108 ? 1_555 FE4 ? C F3S . ? A F3S 108 ? 1_555 S4 ? C F3S . ? A F3S 108 ? 1_555 108.0 ? 
42 S3 ? C F3S .  ? A F3S 108 ? 1_555 FE4 ? C F3S . ? A F3S 108 ? 1_555 S4 ? C F3S . ? A F3S 108 ? 1_555 104.3 ? 
# 
loop_
_pdbx_audit_revision_history.ordinal 
_pdbx_audit_revision_history.data_content_type 
_pdbx_audit_revision_history.major_revision 
_pdbx_audit_revision_history.minor_revision 
_pdbx_audit_revision_history.revision_date 
1 'Structure model' 1 0 2001-11-27 
2 'Structure model' 1 1 2011-05-07 
3 'Structure model' 1 2 2011-07-13 
4 'Structure model' 1 3 2023-12-13 
# 
_pdbx_audit_revision_details.ordinal             1 
_pdbx_audit_revision_details.revision_ordinal    1 
_pdbx_audit_revision_details.data_content_type   'Structure model' 
_pdbx_audit_revision_details.provider            repository 
_pdbx_audit_revision_details.type                'Initial release' 
_pdbx_audit_revision_details.description         ? 
_pdbx_audit_revision_details.details             ? 
# 
loop_
_pdbx_audit_revision_group.ordinal 
_pdbx_audit_revision_group.revision_ordinal 
_pdbx_audit_revision_group.data_content_type 
_pdbx_audit_revision_group.group 
1 2 'Structure model' 'Version format compliance' 
2 3 'Structure model' 'Version format compliance' 
3 4 'Structure model' 'Data collection'           
4 4 'Structure model' 'Database references'       
5 4 'Structure model' 'Derived calculations'      
6 4 'Structure model' 'Refinement description'    
# 
loop_
_pdbx_audit_revision_category.ordinal 
_pdbx_audit_revision_category.revision_ordinal 
_pdbx_audit_revision_category.data_content_type 
_pdbx_audit_revision_category.category 
1 4 'Structure model' chem_comp_atom                
2 4 'Structure model' chem_comp_bond                
3 4 'Structure model' database_2                    
4 4 'Structure model' pdbx_initial_refinement_model 
5 4 'Structure model' pdbx_struct_conn_angle        
6 4 'Structure model' struct_conn                   
7 4 'Structure model' struct_site                   
# 
loop_
_pdbx_audit_revision_item.ordinal 
_pdbx_audit_revision_item.revision_ordinal 
_pdbx_audit_revision_item.data_content_type 
_pdbx_audit_revision_item.item 
1  4 'Structure model' '_database_2.pdbx_DOI'                        
2  4 'Structure model' '_database_2.pdbx_database_accession'         
3  4 'Structure model' '_pdbx_struct_conn_angle.ptnr1_auth_comp_id'  
4  4 'Structure model' '_pdbx_struct_conn_angle.ptnr1_auth_seq_id'   
5  4 'Structure model' '_pdbx_struct_conn_angle.ptnr1_label_asym_id' 
6  4 'Structure model' '_pdbx_struct_conn_angle.ptnr1_label_atom_id' 
7  4 'Structure model' '_pdbx_struct_conn_angle.ptnr1_label_comp_id' 
8  4 'Structure model' '_pdbx_struct_conn_angle.ptnr1_label_seq_id'  
9  4 'Structure model' '_pdbx_struct_conn_angle.ptnr2_auth_comp_id'  
10 4 'Structure model' '_pdbx_struct_conn_angle.ptnr2_auth_seq_id'   
11 4 'Structure model' '_pdbx_struct_conn_angle.ptnr2_label_asym_id' 
12 4 'Structure model' '_pdbx_struct_conn_angle.ptnr2_label_atom_id' 
13 4 'Structure model' '_pdbx_struct_conn_angle.ptnr2_label_comp_id' 
14 4 'Structure model' '_pdbx_struct_conn_angle.ptnr3_auth_comp_id'  
15 4 'Structure model' '_pdbx_struct_conn_angle.ptnr3_auth_seq_id'   
16 4 'Structure model' '_pdbx_struct_conn_angle.ptnr3_label_asym_id' 
17 4 'Structure model' '_pdbx_struct_conn_angle.ptnr3_label_atom_id' 
18 4 'Structure model' '_pdbx_struct_conn_angle.ptnr3_label_comp_id' 
19 4 'Structure model' '_pdbx_struct_conn_angle.value'               
20 4 'Structure model' '_struct_conn.pdbx_dist_value'                
21 4 'Structure model' '_struct_conn.ptnr1_auth_comp_id'             
22 4 'Structure model' '_struct_conn.ptnr1_auth_seq_id'              
23 4 'Structure model' '_struct_conn.ptnr1_label_asym_id'            
24 4 'Structure model' '_struct_conn.ptnr1_label_atom_id'            
25 4 'Structure model' '_struct_conn.ptnr1_label_comp_id'            
26 4 'Structure model' '_struct_conn.ptnr1_label_seq_id'             
27 4 'Structure model' '_struct_conn.ptnr2_auth_comp_id'             
28 4 'Structure model' '_struct_conn.ptnr2_auth_seq_id'              
29 4 'Structure model' '_struct_conn.ptnr2_label_asym_id'            
30 4 'Structure model' '_struct_conn.ptnr2_label_atom_id'            
31 4 'Structure model' '_struct_conn.ptnr2_label_comp_id'            
32 4 'Structure model' '_struct_conn.ptnr2_label_seq_id'             
33 4 'Structure model' '_struct_site.pdbx_auth_asym_id'              
34 4 'Structure model' '_struct_site.pdbx_auth_comp_id'              
35 4 'Structure model' '_struct_site.pdbx_auth_seq_id'               
# 
loop_
_software.name 
_software.classification 
_software.version 
_software.citation_id 
_software.pdbx_ordinal 
X-PLOR refinement       . ? 1 
MOSFLM 'data reduction' . ? 2 
CCP4   'data scaling'   . ? 3 
AMoRE  phasing          . ? 4 
# 
_pdbx_entry_details.entry_id                 1H98 
_pdbx_entry_details.compound_details         'TRANSFER ELECTRONS IN A WIDE VARIETY OF METABOLIC REACTIONS' 
_pdbx_entry_details.source_details           ? 
_pdbx_entry_details.nonpolymer_details       ? 
_pdbx_entry_details.sequence_details         
;LEU 69 A GLY 97 ARE COVALENTLY LINKED. THE RESIDUES 70 TO 96
FROM SWISSPROT ENTRY P03942 ARE NOT PRESENT IN THE SEQUENCE
THE PRESENT CRYSTAL STRUCTURE, TOGETHER WITH AMINOACID
SEQUENCING (MACEDO-RIBEIRO ET AL, JBIC IN PRESS)AND GEL
FILTRATION CLEARLY SHOW THAT FDTT HAS ONLY 78 AMINOACIDS
AND THAT THE AMINOACID AT POSITION 6 IS A GLU INSTEAD OF GLN
;
_pdbx_entry_details.has_ligand_of_interest   ? 
# 
_pdbx_validate_torsion.id              1 
_pdbx_validate_torsion.PDB_model_num   1 
_pdbx_validate_torsion.auth_comp_id    VAL 
_pdbx_validate_torsion.auth_asym_id    A 
_pdbx_validate_torsion.auth_seq_id     11 
_pdbx_validate_torsion.PDB_ins_code    ? 
_pdbx_validate_torsion.label_alt_id    ? 
_pdbx_validate_torsion.phi             -120.86 
_pdbx_validate_torsion.psi             -59.83 
# 
loop_
_pdbx_unobs_or_zero_occ_atoms.id 
_pdbx_unobs_or_zero_occ_atoms.PDB_model_num 
_pdbx_unobs_or_zero_occ_atoms.polymer_flag 
_pdbx_unobs_or_zero_occ_atoms.occupancy_flag 
_pdbx_unobs_or_zero_occ_atoms.auth_asym_id 
_pdbx_unobs_or_zero_occ_atoms.auth_comp_id 
_pdbx_unobs_or_zero_occ_atoms.auth_seq_id 
_pdbx_unobs_or_zero_occ_atoms.PDB_ins_code 
_pdbx_unobs_or_zero_occ_atoms.auth_atom_id 
_pdbx_unobs_or_zero_occ_atoms.label_alt_id 
_pdbx_unobs_or_zero_occ_atoms.label_asym_id 
_pdbx_unobs_or_zero_occ_atoms.label_comp_id 
_pdbx_unobs_or_zero_occ_atoms.label_seq_id 
_pdbx_unobs_or_zero_occ_atoms.label_atom_id 
1 1 Y 0 A GLU 18 ? CD  ? A GLU 18 CD  
2 1 Y 0 A GLU 18 ? OE1 ? A GLU 18 OE1 
3 1 Y 0 A GLU 18 ? OE2 ? A GLU 18 OE2 
4 1 Y 0 A GLU 62 ? CD  ? A GLU 62 CD  
5 1 Y 0 A GLU 62 ? OE1 ? A GLU 62 OE1 
6 1 Y 0 A GLU 62 ? OE2 ? A GLU 62 OE2 
7 1 Y 0 A LYS 73 ? CE  ? A LYS 73 CE  
8 1 Y 0 A LYS 73 ? NZ  ? A LYS 73 NZ  
# 
_pdbx_unobs_or_zero_occ_residues.id               1 
_pdbx_unobs_or_zero_occ_residues.PDB_model_num    1 
_pdbx_unobs_or_zero_occ_residues.polymer_flag     Y 
_pdbx_unobs_or_zero_occ_residues.occupancy_flag   1 
_pdbx_unobs_or_zero_occ_residues.auth_asym_id     A 
_pdbx_unobs_or_zero_occ_residues.auth_comp_id     GLU 
_pdbx_unobs_or_zero_occ_residues.auth_seq_id      78 
_pdbx_unobs_or_zero_occ_residues.PDB_ins_code     ? 
_pdbx_unobs_or_zero_occ_residues.label_asym_id    A 
_pdbx_unobs_or_zero_occ_residues.label_comp_id    GLU 
_pdbx_unobs_or_zero_occ_residues.label_seq_id     78 
# 
loop_
_chem_comp_atom.comp_id 
_chem_comp_atom.atom_id 
_chem_comp_atom.type_symbol 
_chem_comp_atom.pdbx_aromatic_flag 
_chem_comp_atom.pdbx_stereo_config 
_chem_comp_atom.pdbx_ordinal 
ALA N    N  N N 1   
ALA CA   C  N S 2   
ALA C    C  N N 3   
ALA O    O  N N 4   
ALA CB   C  N N 5   
ALA OXT  O  N N 6   
ALA H    H  N N 7   
ALA H2   H  N N 8   
ALA HA   H  N N 9   
ALA HB1  H  N N 10  
ALA HB2  H  N N 11  
ALA HB3  H  N N 12  
ALA HXT  H  N N 13  
ARG N    N  N N 14  
ARG CA   C  N S 15  
ARG C    C  N N 16  
ARG O    O  N N 17  
ARG CB   C  N N 18  
ARG CG   C  N N 19  
ARG CD   C  N N 20  
ARG NE   N  N N 21  
ARG CZ   C  N N 22  
ARG NH1  N  N N 23  
ARG NH2  N  N N 24  
ARG OXT  O  N N 25  
ARG H    H  N N 26  
ARG H2   H  N N 27  
ARG HA   H  N N 28  
ARG HB2  H  N N 29  
ARG HB3  H  N N 30  
ARG HG2  H  N N 31  
ARG HG3  H  N N 32  
ARG HD2  H  N N 33  
ARG HD3  H  N N 34  
ARG HE   H  N N 35  
ARG HH11 H  N N 36  
ARG HH12 H  N N 37  
ARG HH21 H  N N 38  
ARG HH22 H  N N 39  
ARG HXT  H  N N 40  
ASN N    N  N N 41  
ASN CA   C  N S 42  
ASN C    C  N N 43  
ASN O    O  N N 44  
ASN CB   C  N N 45  
ASN CG   C  N N 46  
ASN OD1  O  N N 47  
ASN ND2  N  N N 48  
ASN OXT  O  N N 49  
ASN H    H  N N 50  
ASN H2   H  N N 51  
ASN HA   H  N N 52  
ASN HB2  H  N N 53  
ASN HB3  H  N N 54  
ASN HD21 H  N N 55  
ASN HD22 H  N N 56  
ASN HXT  H  N N 57  
ASP N    N  N N 58  
ASP CA   C  N S 59  
ASP C    C  N N 60  
ASP O    O  N N 61  
ASP CB   C  N N 62  
ASP CG   C  N N 63  
ASP OD1  O  N N 64  
ASP OD2  O  N N 65  
ASP OXT  O  N N 66  
ASP H    H  N N 67  
ASP H2   H  N N 68  
ASP HA   H  N N 69  
ASP HB2  H  N N 70  
ASP HB3  H  N N 71  
ASP HD2  H  N N 72  
ASP HXT  H  N N 73  
CYS N    N  N N 74  
CYS CA   C  N R 75  
CYS C    C  N N 76  
CYS O    O  N N 77  
CYS CB   C  N N 78  
CYS SG   S  N N 79  
CYS OXT  O  N N 80  
CYS H    H  N N 81  
CYS H2   H  N N 82  
CYS HA   H  N N 83  
CYS HB2  H  N N 84  
CYS HB3  H  N N 85  
CYS HG   H  N N 86  
CYS HXT  H  N N 87  
F3S FE1  FE N N 88  
F3S FE3  FE N N 89  
F3S FE4  FE N N 90  
F3S S1   S  N N 91  
F3S S2   S  N N 92  
F3S S3   S  N N 93  
F3S S4   S  N N 94  
GLN N    N  N N 95  
GLN CA   C  N S 96  
GLN C    C  N N 97  
GLN O    O  N N 98  
GLN CB   C  N N 99  
GLN CG   C  N N 100 
GLN CD   C  N N 101 
GLN OE1  O  N N 102 
GLN NE2  N  N N 103 
GLN OXT  O  N N 104 
GLN H    H  N N 105 
GLN H2   H  N N 106 
GLN HA   H  N N 107 
GLN HB2  H  N N 108 
GLN HB3  H  N N 109 
GLN HG2  H  N N 110 
GLN HG3  H  N N 111 
GLN HE21 H  N N 112 
GLN HE22 H  N N 113 
GLN HXT  H  N N 114 
GLU N    N  N N 115 
GLU CA   C  N S 116 
GLU C    C  N N 117 
GLU O    O  N N 118 
GLU CB   C  N N 119 
GLU CG   C  N N 120 
GLU CD   C  N N 121 
GLU OE1  O  N N 122 
GLU OE2  O  N N 123 
GLU OXT  O  N N 124 
GLU H    H  N N 125 
GLU H2   H  N N 126 
GLU HA   H  N N 127 
GLU HB2  H  N N 128 
GLU HB3  H  N N 129 
GLU HG2  H  N N 130 
GLU HG3  H  N N 131 
GLU HE2  H  N N 132 
GLU HXT  H  N N 133 
GLY N    N  N N 134 
GLY CA   C  N N 135 
GLY C    C  N N 136 
GLY O    O  N N 137 
GLY OXT  O  N N 138 
GLY H    H  N N 139 
GLY H2   H  N N 140 
GLY HA2  H  N N 141 
GLY HA3  H  N N 142 
GLY HXT  H  N N 143 
HIS N    N  N N 144 
HIS CA   C  N S 145 
HIS C    C  N N 146 
HIS O    O  N N 147 
HIS CB   C  N N 148 
HIS CG   C  Y N 149 
HIS ND1  N  Y N 150 
HIS CD2  C  Y N 151 
HIS CE1  C  Y N 152 
HIS NE2  N  Y N 153 
HIS OXT  O  N N 154 
HIS H    H  N N 155 
HIS H2   H  N N 156 
HIS HA   H  N N 157 
HIS HB2  H  N N 158 
HIS HB3  H  N N 159 
HIS HD1  H  N N 160 
HIS HD2  H  N N 161 
HIS HE1  H  N N 162 
HIS HE2  H  N N 163 
HIS HXT  H  N N 164 
HOH O    O  N N 165 
HOH H1   H  N N 166 
HOH H2   H  N N 167 
ILE N    N  N N 168 
ILE CA   C  N S 169 
ILE C    C  N N 170 
ILE O    O  N N 171 
ILE CB   C  N S 172 
ILE CG1  C  N N 173 
ILE CG2  C  N N 174 
ILE CD1  C  N N 175 
ILE OXT  O  N N 176 
ILE H    H  N N 177 
ILE H2   H  N N 178 
ILE HA   H  N N 179 
ILE HB   H  N N 180 
ILE HG12 H  N N 181 
ILE HG13 H  N N 182 
ILE HG21 H  N N 183 
ILE HG22 H  N N 184 
ILE HG23 H  N N 185 
ILE HD11 H  N N 186 
ILE HD12 H  N N 187 
ILE HD13 H  N N 188 
ILE HXT  H  N N 189 
LEU N    N  N N 190 
LEU CA   C  N S 191 
LEU C    C  N N 192 
LEU O    O  N N 193 
LEU CB   C  N N 194 
LEU CG   C  N N 195 
LEU CD1  C  N N 196 
LEU CD2  C  N N 197 
LEU OXT  O  N N 198 
LEU H    H  N N 199 
LEU H2   H  N N 200 
LEU HA   H  N N 201 
LEU HB2  H  N N 202 
LEU HB3  H  N N 203 
LEU HG   H  N N 204 
LEU HD11 H  N N 205 
LEU HD12 H  N N 206 
LEU HD13 H  N N 207 
LEU HD21 H  N N 208 
LEU HD22 H  N N 209 
LEU HD23 H  N N 210 
LEU HXT  H  N N 211 
LYS N    N  N N 212 
LYS CA   C  N S 213 
LYS C    C  N N 214 
LYS O    O  N N 215 
LYS CB   C  N N 216 
LYS CG   C  N N 217 
LYS CD   C  N N 218 
LYS CE   C  N N 219 
LYS NZ   N  N N 220 
LYS OXT  O  N N 221 
LYS H    H  N N 222 
LYS H2   H  N N 223 
LYS HA   H  N N 224 
LYS HB2  H  N N 225 
LYS HB3  H  N N 226 
LYS HG2  H  N N 227 
LYS HG3  H  N N 228 
LYS HD2  H  N N 229 
LYS HD3  H  N N 230 
LYS HE2  H  N N 231 
LYS HE3  H  N N 232 
LYS HZ1  H  N N 233 
LYS HZ2  H  N N 234 
LYS HZ3  H  N N 235 
LYS HXT  H  N N 236 
PHE N    N  N N 237 
PHE CA   C  N S 238 
PHE C    C  N N 239 
PHE O    O  N N 240 
PHE CB   C  N N 241 
PHE CG   C  Y N 242 
PHE CD1  C  Y N 243 
PHE CD2  C  Y N 244 
PHE CE1  C  Y N 245 
PHE CE2  C  Y N 246 
PHE CZ   C  Y N 247 
PHE OXT  O  N N 248 
PHE H    H  N N 249 
PHE H2   H  N N 250 
PHE HA   H  N N 251 
PHE HB2  H  N N 252 
PHE HB3  H  N N 253 
PHE HD1  H  N N 254 
PHE HD2  H  N N 255 
PHE HE1  H  N N 256 
PHE HE2  H  N N 257 
PHE HZ   H  N N 258 
PHE HXT  H  N N 259 
PRO N    N  N N 260 
PRO CA   C  N S 261 
PRO C    C  N N 262 
PRO O    O  N N 263 
PRO CB   C  N N 264 
PRO CG   C  N N 265 
PRO CD   C  N N 266 
PRO OXT  O  N N 267 
PRO H    H  N N 268 
PRO HA   H  N N 269 
PRO HB2  H  N N 270 
PRO HB3  H  N N 271 
PRO HG2  H  N N 272 
PRO HG3  H  N N 273 
PRO HD2  H  N N 274 
PRO HD3  H  N N 275 
PRO HXT  H  N N 276 
SER N    N  N N 277 
SER CA   C  N S 278 
SER C    C  N N 279 
SER O    O  N N 280 
SER CB   C  N N 281 
SER OG   O  N N 282 
SER OXT  O  N N 283 
SER H    H  N N 284 
SER H2   H  N N 285 
SER HA   H  N N 286 
SER HB2  H  N N 287 
SER HB3  H  N N 288 
SER HG   H  N N 289 
SER HXT  H  N N 290 
SF4 FE1  FE N N 291 
SF4 FE2  FE N N 292 
SF4 FE3  FE N N 293 
SF4 FE4  FE N N 294 
SF4 S1   S  N N 295 
SF4 S2   S  N N 296 
SF4 S3   S  N N 297 
SF4 S4   S  N N 298 
TRP N    N  N N 299 
TRP CA   C  N S 300 
TRP C    C  N N 301 
TRP O    O  N N 302 
TRP CB   C  N N 303 
TRP CG   C  Y N 304 
TRP CD1  C  Y N 305 
TRP CD2  C  Y N 306 
TRP NE1  N  Y N 307 
TRP CE2  C  Y N 308 
TRP CE3  C  Y N 309 
TRP CZ2  C  Y N 310 
TRP CZ3  C  Y N 311 
TRP CH2  C  Y N 312 
TRP OXT  O  N N 313 
TRP H    H  N N 314 
TRP H2   H  N N 315 
TRP HA   H  N N 316 
TRP HB2  H  N N 317 
TRP HB3  H  N N 318 
TRP HD1  H  N N 319 
TRP HE1  H  N N 320 
TRP HE3  H  N N 321 
TRP HZ2  H  N N 322 
TRP HZ3  H  N N 323 
TRP HH2  H  N N 324 
TRP HXT  H  N N 325 
TYR N    N  N N 326 
TYR CA   C  N S 327 
TYR C    C  N N 328 
TYR O    O  N N 329 
TYR CB   C  N N 330 
TYR CG   C  Y N 331 
TYR CD1  C  Y N 332 
TYR CD2  C  Y N 333 
TYR CE1  C  Y N 334 
TYR CE2  C  Y N 335 
TYR CZ   C  Y N 336 
TYR OH   O  N N 337 
TYR OXT  O  N N 338 
TYR H    H  N N 339 
TYR H2   H  N N 340 
TYR HA   H  N N 341 
TYR HB2  H  N N 342 
TYR HB3  H  N N 343 
TYR HD1  H  N N 344 
TYR HD2  H  N N 345 
TYR HE1  H  N N 346 
TYR HE2  H  N N 347 
TYR HH   H  N N 348 
TYR HXT  H  N N 349 
VAL N    N  N N 350 
VAL CA   C  N S 351 
VAL C    C  N N 352 
VAL O    O  N N 353 
VAL CB   C  N N 354 
VAL CG1  C  N N 355 
VAL CG2  C  N N 356 
VAL OXT  O  N N 357 
VAL H    H  N N 358 
VAL H2   H  N N 359 
VAL HA   H  N N 360 
VAL HB   H  N N 361 
VAL HG11 H  N N 362 
VAL HG12 H  N N 363 
VAL HG13 H  N N 364 
VAL HG21 H  N N 365 
VAL HG22 H  N N 366 
VAL HG23 H  N N 367 
VAL HXT  H  N N 368 
# 
loop_
_chem_comp_bond.comp_id 
_chem_comp_bond.atom_id_1 
_chem_comp_bond.atom_id_2 
_chem_comp_bond.value_order 
_chem_comp_bond.pdbx_aromatic_flag 
_chem_comp_bond.pdbx_stereo_config 
_chem_comp_bond.pdbx_ordinal 
ALA N   CA   sing N N 1   
ALA N   H    sing N N 2   
ALA N   H2   sing N N 3   
ALA CA  C    sing N N 4   
ALA CA  CB   sing N N 5   
ALA CA  HA   sing N N 6   
ALA C   O    doub N N 7   
ALA C   OXT  sing N N 8   
ALA CB  HB1  sing N N 9   
ALA CB  HB2  sing N N 10  
ALA CB  HB3  sing N N 11  
ALA OXT HXT  sing N N 12  
ARG N   CA   sing N N 13  
ARG N   H    sing N N 14  
ARG N   H2   sing N N 15  
ARG CA  C    sing N N 16  
ARG CA  CB   sing N N 17  
ARG CA  HA   sing N N 18  
ARG C   O    doub N N 19  
ARG C   OXT  sing N N 20  
ARG CB  CG   sing N N 21  
ARG CB  HB2  sing N N 22  
ARG CB  HB3  sing N N 23  
ARG CG  CD   sing N N 24  
ARG CG  HG2  sing N N 25  
ARG CG  HG3  sing N N 26  
ARG CD  NE   sing N N 27  
ARG CD  HD2  sing N N 28  
ARG CD  HD3  sing N N 29  
ARG NE  CZ   sing N N 30  
ARG NE  HE   sing N N 31  
ARG CZ  NH1  sing N N 32  
ARG CZ  NH2  doub N N 33  
ARG NH1 HH11 sing N N 34  
ARG NH1 HH12 sing N N 35  
ARG NH2 HH21 sing N N 36  
ARG NH2 HH22 sing N N 37  
ARG OXT HXT  sing N N 38  
ASN N   CA   sing N N 39  
ASN N   H    sing N N 40  
ASN N   H2   sing N N 41  
ASN CA  C    sing N N 42  
ASN CA  CB   sing N N 43  
ASN CA  HA   sing N N 44  
ASN C   O    doub N N 45  
ASN C   OXT  sing N N 46  
ASN CB  CG   sing N N 47  
ASN CB  HB2  sing N N 48  
ASN CB  HB3  sing N N 49  
ASN CG  OD1  doub N N 50  
ASN CG  ND2  sing N N 51  
ASN ND2 HD21 sing N N 52  
ASN ND2 HD22 sing N N 53  
ASN OXT HXT  sing N N 54  
ASP N   CA   sing N N 55  
ASP N   H    sing N N 56  
ASP N   H2   sing N N 57  
ASP CA  C    sing N N 58  
ASP CA  CB   sing N N 59  
ASP CA  HA   sing N N 60  
ASP C   O    doub N N 61  
ASP C   OXT  sing N N 62  
ASP CB  CG   sing N N 63  
ASP CB  HB2  sing N N 64  
ASP CB  HB3  sing N N 65  
ASP CG  OD1  doub N N 66  
ASP CG  OD2  sing N N 67  
ASP OD2 HD2  sing N N 68  
ASP OXT HXT  sing N N 69  
CYS N   CA   sing N N 70  
CYS N   H    sing N N 71  
CYS N   H2   sing N N 72  
CYS CA  C    sing N N 73  
CYS CA  CB   sing N N 74  
CYS CA  HA   sing N N 75  
CYS C   O    doub N N 76  
CYS C   OXT  sing N N 77  
CYS CB  SG   sing N N 78  
CYS CB  HB2  sing N N 79  
CYS CB  HB3  sing N N 80  
CYS SG  HG   sing N N 81  
CYS OXT HXT  sing N N 82  
F3S FE1 S1   sing N N 83  
F3S FE1 S2   sing N N 84  
F3S FE1 S3   sing N N 85  
F3S FE3 S1   sing N N 86  
F3S FE3 S3   sing N N 87  
F3S FE3 S4   sing N N 88  
F3S FE4 S2   sing N N 89  
F3S FE4 S3   sing N N 90  
F3S FE4 S4   sing N N 91  
GLN N   CA   sing N N 92  
GLN N   H    sing N N 93  
GLN N   H2   sing N N 94  
GLN CA  C    sing N N 95  
GLN CA  CB   sing N N 96  
GLN CA  HA   sing N N 97  
GLN C   O    doub N N 98  
GLN C   OXT  sing N N 99  
GLN CB  CG   sing N N 100 
GLN CB  HB2  sing N N 101 
GLN CB  HB3  sing N N 102 
GLN CG  CD   sing N N 103 
GLN CG  HG2  sing N N 104 
GLN CG  HG3  sing N N 105 
GLN CD  OE1  doub N N 106 
GLN CD  NE2  sing N N 107 
GLN NE2 HE21 sing N N 108 
GLN NE2 HE22 sing N N 109 
GLN OXT HXT  sing N N 110 
GLU N   CA   sing N N 111 
GLU N   H    sing N N 112 
GLU N   H2   sing N N 113 
GLU CA  C    sing N N 114 
GLU CA  CB   sing N N 115 
GLU CA  HA   sing N N 116 
GLU C   O    doub N N 117 
GLU C   OXT  sing N N 118 
GLU CB  CG   sing N N 119 
GLU CB  HB2  sing N N 120 
GLU CB  HB3  sing N N 121 
GLU CG  CD   sing N N 122 
GLU CG  HG2  sing N N 123 
GLU CG  HG3  sing N N 124 
GLU CD  OE1  doub N N 125 
GLU CD  OE2  sing N N 126 
GLU OE2 HE2  sing N N 127 
GLU OXT HXT  sing N N 128 
GLY N   CA   sing N N 129 
GLY N   H    sing N N 130 
GLY N   H2   sing N N 131 
GLY CA  C    sing N N 132 
GLY CA  HA2  sing N N 133 
GLY CA  HA3  sing N N 134 
GLY C   O    doub N N 135 
GLY C   OXT  sing N N 136 
GLY OXT HXT  sing N N 137 
HIS N   CA   sing N N 138 
HIS N   H    sing N N 139 
HIS N   H2   sing N N 140 
HIS CA  C    sing N N 141 
HIS CA  CB   sing N N 142 
HIS CA  HA   sing N N 143 
HIS C   O    doub N N 144 
HIS C   OXT  sing N N 145 
HIS CB  CG   sing N N 146 
HIS CB  HB2  sing N N 147 
HIS CB  HB3  sing N N 148 
HIS CG  ND1  sing Y N 149 
HIS CG  CD2  doub Y N 150 
HIS ND1 CE1  doub Y N 151 
HIS ND1 HD1  sing N N 152 
HIS CD2 NE2  sing Y N 153 
HIS CD2 HD2  sing N N 154 
HIS CE1 NE2  sing Y N 155 
HIS CE1 HE1  sing N N 156 
HIS NE2 HE2  sing N N 157 
HIS OXT HXT  sing N N 158 
HOH O   H1   sing N N 159 
HOH O   H2   sing N N 160 
ILE N   CA   sing N N 161 
ILE N   H    sing N N 162 
ILE N   H2   sing N N 163 
ILE CA  C    sing N N 164 
ILE CA  CB   sing N N 165 
ILE CA  HA   sing N N 166 
ILE C   O    doub N N 167 
ILE C   OXT  sing N N 168 
ILE CB  CG1  sing N N 169 
ILE CB  CG2  sing N N 170 
ILE CB  HB   sing N N 171 
ILE CG1 CD1  sing N N 172 
ILE CG1 HG12 sing N N 173 
ILE CG1 HG13 sing N N 174 
ILE CG2 HG21 sing N N 175 
ILE CG2 HG22 sing N N 176 
ILE CG2 HG23 sing N N 177 
ILE CD1 HD11 sing N N 178 
ILE CD1 HD12 sing N N 179 
ILE CD1 HD13 sing N N 180 
ILE OXT HXT  sing N N 181 
LEU N   CA   sing N N 182 
LEU N   H    sing N N 183 
LEU N   H2   sing N N 184 
LEU CA  C    sing N N 185 
LEU CA  CB   sing N N 186 
LEU CA  HA   sing N N 187 
LEU C   O    doub N N 188 
LEU C   OXT  sing N N 189 
LEU CB  CG   sing N N 190 
LEU CB  HB2  sing N N 191 
LEU CB  HB3  sing N N 192 
LEU CG  CD1  sing N N 193 
LEU CG  CD2  sing N N 194 
LEU CG  HG   sing N N 195 
LEU CD1 HD11 sing N N 196 
LEU CD1 HD12 sing N N 197 
LEU CD1 HD13 sing N N 198 
LEU CD2 HD21 sing N N 199 
LEU CD2 HD22 sing N N 200 
LEU CD2 HD23 sing N N 201 
LEU OXT HXT  sing N N 202 
LYS N   CA   sing N N 203 
LYS N   H    sing N N 204 
LYS N   H2   sing N N 205 
LYS CA  C    sing N N 206 
LYS CA  CB   sing N N 207 
LYS CA  HA   sing N N 208 
LYS C   O    doub N N 209 
LYS C   OXT  sing N N 210 
LYS CB  CG   sing N N 211 
LYS CB  HB2  sing N N 212 
LYS CB  HB3  sing N N 213 
LYS CG  CD   sing N N 214 
LYS CG  HG2  sing N N 215 
LYS CG  HG3  sing N N 216 
LYS CD  CE   sing N N 217 
LYS CD  HD2  sing N N 218 
LYS CD  HD3  sing N N 219 
LYS CE  NZ   sing N N 220 
LYS CE  HE2  sing N N 221 
LYS CE  HE3  sing N N 222 
LYS NZ  HZ1  sing N N 223 
LYS NZ  HZ2  sing N N 224 
LYS NZ  HZ3  sing N N 225 
LYS OXT HXT  sing N N 226 
PHE N   CA   sing N N 227 
PHE N   H    sing N N 228 
PHE N   H2   sing N N 229 
PHE CA  C    sing N N 230 
PHE CA  CB   sing N N 231 
PHE CA  HA   sing N N 232 
PHE C   O    doub N N 233 
PHE C   OXT  sing N N 234 
PHE CB  CG   sing N N 235 
PHE CB  HB2  sing N N 236 
PHE CB  HB3  sing N N 237 
PHE CG  CD1  doub Y N 238 
PHE CG  CD2  sing Y N 239 
PHE CD1 CE1  sing Y N 240 
PHE CD1 HD1  sing N N 241 
PHE CD2 CE2  doub Y N 242 
PHE CD2 HD2  sing N N 243 
PHE CE1 CZ   doub Y N 244 
PHE CE1 HE1  sing N N 245 
PHE CE2 CZ   sing Y N 246 
PHE CE2 HE2  sing N N 247 
PHE CZ  HZ   sing N N 248 
PHE OXT HXT  sing N N 249 
PRO N   CA   sing N N 250 
PRO N   CD   sing N N 251 
PRO N   H    sing N N 252 
PRO CA  C    sing N N 253 
PRO CA  CB   sing N N 254 
PRO CA  HA   sing N N 255 
PRO C   O    doub N N 256 
PRO C   OXT  sing N N 257 
PRO CB  CG   sing N N 258 
PRO CB  HB2  sing N N 259 
PRO CB  HB3  sing N N 260 
PRO CG  CD   sing N N 261 
PRO CG  HG2  sing N N 262 
PRO CG  HG3  sing N N 263 
PRO CD  HD2  sing N N 264 
PRO CD  HD3  sing N N 265 
PRO OXT HXT  sing N N 266 
SER N   CA   sing N N 267 
SER N   H    sing N N 268 
SER N   H2   sing N N 269 
SER CA  C    sing N N 270 
SER CA  CB   sing N N 271 
SER CA  HA   sing N N 272 
SER C   O    doub N N 273 
SER C   OXT  sing N N 274 
SER CB  OG   sing N N 275 
SER CB  HB2  sing N N 276 
SER CB  HB3  sing N N 277 
SER OG  HG   sing N N 278 
SER OXT HXT  sing N N 279 
SF4 FE1 S2   sing N N 280 
SF4 FE1 S3   sing N N 281 
SF4 FE1 S4   sing N N 282 
SF4 FE2 S1   sing N N 283 
SF4 FE2 S3   sing N N 284 
SF4 FE2 S4   sing N N 285 
SF4 FE3 S1   sing N N 286 
SF4 FE3 S2   sing N N 287 
SF4 FE3 S4   sing N N 288 
SF4 FE4 S1   sing N N 289 
SF4 FE4 S2   sing N N 290 
SF4 FE4 S3   sing N N 291 
TRP N   CA   sing N N 292 
TRP N   H    sing N N 293 
TRP N   H2   sing N N 294 
TRP CA  C    sing N N 295 
TRP CA  CB   sing N N 296 
TRP CA  HA   sing N N 297 
TRP C   O    doub N N 298 
TRP C   OXT  sing N N 299 
TRP CB  CG   sing N N 300 
TRP CB  HB2  sing N N 301 
TRP CB  HB3  sing N N 302 
TRP CG  CD1  doub Y N 303 
TRP CG  CD2  sing Y N 304 
TRP CD1 NE1  sing Y N 305 
TRP CD1 HD1  sing N N 306 
TRP CD2 CE2  doub Y N 307 
TRP CD2 CE3  sing Y N 308 
TRP NE1 CE2  sing Y N 309 
TRP NE1 HE1  sing N N 310 
TRP CE2 CZ2  sing Y N 311 
TRP CE3 CZ3  doub Y N 312 
TRP CE3 HE3  sing N N 313 
TRP CZ2 CH2  doub Y N 314 
TRP CZ2 HZ2  sing N N 315 
TRP CZ3 CH2  sing Y N 316 
TRP CZ3 HZ3  sing N N 317 
TRP CH2 HH2  sing N N 318 
TRP OXT HXT  sing N N 319 
TYR N   CA   sing N N 320 
TYR N   H    sing N N 321 
TYR N   H2   sing N N 322 
TYR CA  C    sing N N 323 
TYR CA  CB   sing N N 324 
TYR CA  HA   sing N N 325 
TYR C   O    doub N N 326 
TYR C   OXT  sing N N 327 
TYR CB  CG   sing N N 328 
TYR CB  HB2  sing N N 329 
TYR CB  HB3  sing N N 330 
TYR CG  CD1  doub Y N 331 
TYR CG  CD2  sing Y N 332 
TYR CD1 CE1  sing Y N 333 
TYR CD1 HD1  sing N N 334 
TYR CD2 CE2  doub Y N 335 
TYR CD2 HD2  sing N N 336 
TYR CE1 CZ   doub Y N 337 
TYR CE1 HE1  sing N N 338 
TYR CE2 CZ   sing Y N 339 
TYR CE2 HE2  sing N N 340 
TYR CZ  OH   sing N N 341 
TYR OH  HH   sing N N 342 
TYR OXT HXT  sing N N 343 
VAL N   CA   sing N N 344 
VAL N   H    sing N N 345 
VAL N   H2   sing N N 346 
VAL CA  C    sing N N 347 
VAL CA  CB   sing N N 348 
VAL CA  HA   sing N N 349 
VAL C   O    doub N N 350 
VAL C   OXT  sing N N 351 
VAL CB  CG1  sing N N 352 
VAL CB  CG2  sing N N 353 
VAL CB  HB   sing N N 354 
VAL CG1 HG11 sing N N 355 
VAL CG1 HG12 sing N N 356 
VAL CG1 HG13 sing N N 357 
VAL CG2 HG21 sing N N 358 
VAL CG2 HG22 sing N N 359 
VAL CG2 HG23 sing N N 360 
VAL OXT HXT  sing N N 361 
# 
loop_
_pdbx_entity_nonpoly.entity_id 
_pdbx_entity_nonpoly.name 
_pdbx_entity_nonpoly.comp_id 
2 'IRON/SULFUR CLUSTER' SF4 
3 'FE3-S4 CLUSTER'      F3S 
4 water                 HOH 
# 
_pdbx_initial_refinement_model.id               1 
_pdbx_initial_refinement_model.entity_id_list   ? 
_pdbx_initial_refinement_model.type             'experimental model' 
_pdbx_initial_refinement_model.source_name      PDB 
_pdbx_initial_refinement_model.accession_code   6FD1 
_pdbx_initial_refinement_model.details          ? 
# 
